data_1L2O
#
_entry.id   1L2O
#
_cell.length_a   51.800
_cell.length_b   57.000
_cell.length_c   150.500
_cell.angle_alpha   95.60
_cell.angle_beta   96.30
_cell.angle_gamma   101.50
#
_symmetry.space_group_name_H-M   'P 1'
#
loop_
_entity.id
_entity.type
_entity.pdbx_description
1 polymer 'MYOSIN HEAVY CHAIN'
2 polymer 'MYOSIN REGULATORY LIGHT CHAIN'
3 polymer 'MYOSIN ESSENTIAL LIGHT CHAIN'
4 non-polymer 'MAGNESIUM ION'
5 non-polymer '4-[4-(2,5-DIOXO-PYRROLIDIN-1-YL)-PHENYLAMINO]-4-HYDROXY-BUTYRIC ACID'
6 non-polymer "ADENOSINE-5'-DIPHOSPHATE"
7 non-polymer 'CALCIUM ION'
8 water water
#
loop_
_entity_poly.entity_id
_entity_poly.type
_entity_poly.pdbx_seq_one_letter_code
_entity_poly.pdbx_strand_id
1 'polypeptide(L)'
;MNIDFSDPDFQYLAVDRKKLMKEQTAAFDGKKNCWVPDEKEGFASAEIQSSKGDEITVKIVADSSTRTVKKDDIQSMNPP
KFEKLEDMANMTYLNEASVLYNLRSRYTSGLIYTYSGLFCIAVNPYRRLPIYTDSVIAKYRGKRKTEIPPHLFSVADNAY
QNMVTDRENQSCLITGESGAGKTENTKKVIMYLAKVACAVKKKDEEASDKKEGSLEDQIIQANPVLEAYGNAKTTRNNNS
SRFGKFIRIHFGPTGKIAGADIETYLLEKSRVTYQQSAERNYHIFYQICSNAIPELNDVMLVTPDSGLYSFINQGCLTVD
NIDDVEEFKLCDEAFDILGFTKEEKQSMFKCTASILHMGEMKFKQRPREEQAESDGTAEAEKVAFLCGINAGDLLKALLK
PKVKVGTEMVTKGQNMNQVVNSVGALAKSLYDRMFNWLVRRVNKTLDTKAKRNYYIGVLDIAGFEIFDFNSFEQLCINYT
NERLQQFFNHHMFILEQEEYKKEGIAWEFIDFGMDLQMCIDLIEKPMGILSILEEECMFPKADDKSFQDKLYQNHMGKNR
MFTKPGKPTRPNQGPAHFELHHYAGNVPYSITGWLEKNKDPINENVVALLGASKEPLVAELFKAPEEPAGGGKKKKGKSS
AFQTISAVHRESLNKLMKNLYSTHPHFVRCIIPNELKQPGLVDAELVLHQLQCNGVLEGIRICRKGFPSRLIYSEFKQRY
SILAPNAIPQGFVDGKTVSEKILAGLQMDPAEYRLGTTKVFFKAGVLGNLEEMRDERLSKIISMFQAHIRGYLIRKAYKK
LQDQRIGLSVIQRNIRKWLVLRNWQWWKLYSKVKP
;
A
2 'polypeptide(L)'
;ADKAASGVLTKLPQKQIQEMKEAFSMIDVDRDGFVSKEDIKAISEQLGRAPDDKELTAMLKEAPGPLNFTMFLSIFSDKL
SGTDSEETIRNAFAMFDEQETKKLNIEYIKDLLENMGDNFNKDEMRMTFKEAPVEGGKFDYVKFTAMIKGSGEEEA
;
B
3 'polypeptide(L)'
;PKLSQDEIDDLKDVFELFDFWDGRDGAVDAFKLGDVCRCLGINPRNEDVFAVGGTHKMGEKSLPFEEFLPAYEGLMDCEQ
GTFADYMEAFKTFDREGQGFISGAELRHVLTALGERLSDEDVDEIIKLTDLQEDLEGNVKYEDFVKKVMAGPYPDK
;
C
#
# COMPACT_ATOMS: atom_id res chain seq x y z
N PHE A 5 1.45 -38.88 -17.80
CA PHE A 5 1.27 -39.61 -16.50
C PHE A 5 0.14 -40.61 -16.57
N SER A 6 0.35 -41.78 -15.99
CA SER A 6 -0.68 -42.79 -15.92
C SER A 6 -1.04 -42.66 -14.43
N ASP A 7 -1.55 -43.65 -13.70
CA ASP A 7 -1.94 -43.22 -12.34
C ASP A 7 -2.46 -44.11 -11.18
N PRO A 8 -1.59 -44.68 -10.33
CA PRO A 8 -2.39 -45.43 -9.34
C PRO A 8 -3.04 -44.55 -8.27
N ASP A 9 -2.26 -44.07 -7.30
CA ASP A 9 -2.83 -43.23 -6.24
C ASP A 9 -2.18 -41.86 -6.12
N PHE A 10 -2.00 -41.23 -7.28
CA PHE A 10 -1.43 -39.89 -7.46
C PHE A 10 -2.62 -38.96 -7.31
N GLN A 11 -3.78 -39.60 -7.25
CA GLN A 11 -5.12 -39.01 -7.17
C GLN A 11 -5.47 -37.72 -6.39
N TYR A 12 -5.94 -37.91 -5.16
CA TYR A 12 -6.38 -36.87 -4.25
C TYR A 12 -5.18 -36.81 -3.35
N LEU A 13 -4.06 -36.81 -4.04
CA LEU A 13 -2.75 -36.80 -3.42
C LEU A 13 -1.75 -35.90 -4.12
N ALA A 14 -1.81 -35.82 -5.46
CA ALA A 14 -0.80 -35.04 -6.19
C ALA A 14 -1.04 -33.89 -7.21
N VAL A 15 -1.92 -34.06 -8.19
CA VAL A 15 -2.17 -33.02 -9.20
C VAL A 15 -3.64 -33.23 -9.52
N ASP A 16 -3.92 -34.42 -10.05
CA ASP A 16 -5.27 -34.82 -10.42
C ASP A 16 -5.99 -34.06 -11.54
N ARG A 17 -5.39 -33.92 -12.71
CA ARG A 17 -6.05 -33.16 -13.78
C ARG A 17 -6.76 -33.78 -14.99
N LYS A 18 -7.18 -35.02 -14.99
CA LYS A 18 -7.95 -35.42 -16.20
C LYS A 18 -9.46 -35.56 -15.91
N LYS A 19 -9.80 -35.60 -14.63
CA LYS A 19 -11.16 -35.82 -14.16
C LYS A 19 -11.73 -34.62 -13.47
N LEU A 20 -11.05 -33.50 -13.65
CA LEU A 20 -11.59 -32.26 -13.13
C LEU A 20 -11.42 -31.17 -14.17
N MET A 21 -10.15 -30.80 -14.31
CA MET A 21 -9.69 -29.76 -15.20
C MET A 21 -10.00 -30.08 -16.63
N LYS A 22 -10.89 -29.25 -17.16
CA LYS A 22 -11.36 -29.31 -18.53
C LYS A 22 -11.25 -27.93 -19.18
N ALA A 27 -14.23 -18.58 -20.02
CA ALA A 27 -14.13 -17.33 -20.78
C ALA A 27 -13.21 -16.32 -20.10
N PHE A 28 -12.04 -16.07 -20.70
CA PHE A 28 -11.09 -15.13 -20.12
C PHE A 28 -10.47 -14.07 -21.03
N ASP A 29 -10.41 -12.86 -20.48
CA ASP A 29 -9.82 -11.69 -21.12
C ASP A 29 -9.22 -10.80 -20.04
N GLY A 30 -7.89 -10.87 -19.91
CA GLY A 30 -7.15 -10.11 -18.92
C GLY A 30 -7.28 -8.60 -18.92
N LYS A 31 -8.35 -8.10 -19.53
CA LYS A 31 -8.59 -6.67 -19.60
C LYS A 31 -9.76 -6.26 -18.72
N LYS A 32 -10.63 -7.21 -18.42
CA LYS A 32 -11.79 -6.92 -17.59
C LYS A 32 -11.76 -7.81 -16.37
N ASN A 33 -10.92 -8.83 -16.43
CA ASN A 33 -10.77 -9.78 -15.35
C ASN A 33 -9.65 -9.31 -14.43
N CYS A 34 -9.97 -9.15 -13.15
CA CYS A 34 -8.98 -8.72 -12.18
C CYS A 34 -9.49 -9.00 -10.80
N TRP A 35 -8.61 -8.81 -9.81
CA TRP A 35 -8.95 -9.05 -8.44
C TRP A 35 -9.03 -7.74 -7.69
N VAL A 36 -10.12 -7.58 -6.94
CA VAL A 36 -10.30 -6.41 -6.15
C VAL A 36 -10.31 -6.88 -4.70
N PRO A 37 -10.07 -5.96 -3.77
CA PRO A 37 -10.08 -6.39 -2.37
C PRO A 37 -11.48 -6.71 -1.87
N ASP A 38 -11.57 -7.73 -1.01
CA ASP A 38 -12.83 -8.19 -0.45
C ASP A 38 -12.61 -8.40 1.04
N GLU A 39 -13.38 -7.72 1.87
CA GLU A 39 -13.23 -7.87 3.32
C GLU A 39 -13.48 -9.30 3.78
N LYS A 40 -14.24 -10.07 2.99
CA LYS A 40 -14.57 -11.45 3.31
C LYS A 40 -13.63 -12.52 2.75
N GLU A 41 -13.44 -12.52 1.43
CA GLU A 41 -12.57 -13.48 0.78
C GLU A 41 -11.16 -12.98 0.47
N GLY A 42 -10.76 -11.90 1.15
CA GLY A 42 -9.44 -11.34 0.93
C GLY A 42 -9.51 -10.58 -0.38
N PHE A 43 -9.67 -11.34 -1.47
CA PHE A 43 -9.80 -10.74 -2.79
C PHE A 43 -11.00 -11.38 -3.44
N ALA A 44 -11.43 -10.86 -4.57
CA ALA A 44 -12.59 -11.42 -5.22
C ALA A 44 -12.50 -11.21 -6.72
N SER A 45 -12.90 -12.23 -7.47
CA SER A 45 -12.85 -12.13 -8.91
C SER A 45 -13.98 -11.23 -9.38
N ALA A 46 -13.65 -10.30 -10.27
CA ALA A 46 -14.65 -9.38 -10.80
C ALA A 46 -14.34 -8.88 -12.21
N GLU A 47 -15.33 -8.24 -12.83
CA GLU A 47 -15.18 -7.71 -14.17
C GLU A 47 -15.24 -6.17 -14.10
N ILE A 48 -14.40 -5.52 -14.89
CA ILE A 48 -14.35 -4.05 -14.92
C ILE A 48 -15.45 -3.50 -15.82
N GLN A 49 -16.24 -2.57 -15.31
CA GLN A 49 -17.31 -1.99 -16.11
C GLN A 49 -16.99 -0.60 -16.62
N SER A 50 -16.60 0.30 -15.72
CA SER A 50 -16.31 1.66 -16.15
C SER A 50 -15.04 2.26 -15.55
N SER A 51 -14.63 3.41 -16.08
CA SER A 51 -13.43 4.07 -15.62
C SER A 51 -13.72 5.55 -15.38
N LYS A 52 -13.04 6.11 -14.39
CA LYS A 52 -13.23 7.51 -14.07
C LYS A 52 -12.02 8.04 -13.33
N GLY A 53 -10.85 7.51 -13.68
CA GLY A 53 -9.64 7.95 -13.00
C GLY A 53 -9.51 6.94 -11.89
N ASP A 54 -9.11 7.40 -10.70
CA ASP A 54 -8.97 6.49 -9.57
C ASP A 54 -10.32 5.99 -9.05
N GLU A 55 -11.22 5.57 -9.95
CA GLU A 55 -12.52 5.04 -9.53
C GLU A 55 -13.02 3.97 -10.49
N ILE A 56 -12.14 3.04 -10.82
CA ILE A 56 -12.50 1.93 -11.70
C ILE A 56 -13.69 1.15 -11.11
N THR A 57 -14.87 1.35 -11.70
CA THR A 57 -16.11 0.70 -11.28
C THR A 57 -16.23 -0.73 -11.82
N VAL A 58 -16.54 -1.70 -10.97
CA VAL A 58 -16.64 -3.09 -11.44
C VAL A 58 -17.78 -3.92 -10.86
N LYS A 59 -18.10 -5.00 -11.57
CA LYS A 59 -19.14 -5.93 -11.16
C LYS A 59 -18.46 -7.18 -10.59
N ILE A 60 -18.88 -7.58 -9.39
CA ILE A 60 -18.32 -8.75 -8.71
C ILE A 60 -18.85 -10.00 -9.43
N VAL A 61 -17.96 -10.61 -10.21
CA VAL A 61 -18.25 -11.77 -11.08
C VAL A 61 -19.15 -12.79 -10.48
N ALA A 62 -18.83 -13.01 -9.22
CA ALA A 62 -19.47 -13.97 -8.37
C ALA A 62 -20.97 -13.74 -8.17
N ASP A 63 -21.29 -12.77 -7.31
CA ASP A 63 -22.66 -12.38 -6.94
C ASP A 63 -23.25 -11.36 -7.91
N SER A 64 -22.43 -11.00 -8.89
CA SER A 64 -22.76 -10.02 -9.92
C SER A 64 -23.29 -8.73 -9.32
N SER A 65 -22.49 -8.14 -8.43
CA SER A 65 -22.86 -6.89 -7.77
C SER A 65 -21.95 -5.78 -8.29
N THR A 66 -22.16 -4.56 -7.80
CA THR A 66 -21.36 -3.44 -8.27
C THR A 66 -20.70 -2.58 -7.20
N ARG A 67 -19.46 -2.16 -7.46
CA ARG A 67 -18.72 -1.31 -6.52
C ARG A 67 -17.59 -0.58 -7.24
N THR A 68 -16.99 0.38 -6.54
CA THR A 68 -15.88 1.16 -7.07
C THR A 68 -14.60 0.67 -6.39
N VAL A 69 -13.46 0.79 -7.07
CA VAL A 69 -12.21 0.36 -6.48
C VAL A 69 -11.04 1.10 -7.10
N LYS A 70 -10.18 1.66 -6.26
CA LYS A 70 -9.05 2.41 -6.81
C LYS A 70 -8.26 1.63 -7.85
N LYS A 71 -7.93 2.29 -8.96
CA LYS A 71 -7.19 1.66 -10.04
C LYS A 71 -5.94 0.94 -9.55
N ASP A 72 -5.58 1.19 -8.30
CA ASP A 72 -4.39 0.59 -7.72
C ASP A 72 -4.67 -0.68 -6.95
N ASP A 73 -5.62 -0.62 -6.02
CA ASP A 73 -5.94 -1.77 -5.22
C ASP A 73 -6.47 -2.91 -6.08
N ILE A 74 -6.52 -2.70 -7.40
CA ILE A 74 -6.99 -3.78 -8.27
C ILE A 74 -5.76 -4.60 -8.57
N GLN A 75 -5.93 -5.91 -8.75
CA GLN A 75 -4.77 -6.73 -9.06
C GLN A 75 -5.03 -7.69 -10.20
N SER A 76 -4.06 -7.81 -11.11
CA SER A 76 -4.22 -8.69 -12.24
C SER A 76 -4.47 -10.16 -11.92
N MET A 77 -5.43 -10.73 -12.65
CA MET A 77 -5.84 -12.12 -12.50
C MET A 77 -5.10 -12.95 -13.53
N ASN A 78 -4.78 -14.19 -13.16
CA ASN A 78 -4.09 -15.05 -14.09
C ASN A 78 -5.08 -15.78 -14.98
N PRO A 79 -4.72 -15.95 -16.26
CA PRO A 79 -5.60 -16.64 -17.20
C PRO A 79 -5.85 -18.04 -16.68
N PRO A 80 -6.95 -18.66 -17.11
CA PRO A 80 -7.24 -20.01 -16.64
C PRO A 80 -6.17 -21.00 -17.08
N LYS A 81 -5.25 -20.50 -17.90
CA LYS A 81 -4.13 -21.31 -18.39
C LYS A 81 -3.24 -21.85 -17.25
N PHE A 82 -3.27 -21.17 -16.10
CA PHE A 82 -2.45 -21.52 -14.94
C PHE A 82 -3.22 -21.91 -13.68
N GLU A 83 -4.41 -22.45 -13.84
CA GLU A 83 -5.19 -22.83 -12.66
C GLU A 83 -4.51 -23.95 -11.89
N LYS A 84 -4.60 -23.91 -10.57
CA LYS A 84 -3.98 -24.91 -9.73
C LYS A 84 -2.60 -25.31 -10.27
N LEU A 85 -1.73 -24.32 -10.48
CA LEU A 85 -0.38 -24.59 -10.98
C LEU A 85 0.45 -25.33 -9.94
N GLU A 86 1.63 -25.77 -10.33
CA GLU A 86 2.50 -26.49 -9.41
C GLU A 86 3.84 -25.81 -9.20
N ASP A 87 3.98 -24.60 -9.73
CA ASP A 87 5.21 -23.86 -9.55
C ASP A 87 4.83 -22.44 -9.86
N MET A 88 4.10 -21.87 -8.92
CA MET A 88 3.60 -20.51 -9.00
C MET A 88 4.65 -19.51 -9.46
N ALA A 89 5.83 -20.00 -9.79
CA ALA A 89 6.90 -19.15 -10.29
C ALA A 89 6.64 -18.96 -11.78
N ASN A 90 5.85 -19.87 -12.33
CA ASN A 90 5.50 -19.85 -13.74
C ASN A 90 4.30 -18.97 -14.07
N MET A 91 3.32 -18.89 -13.17
CA MET A 91 2.16 -18.05 -13.41
C MET A 91 2.59 -16.75 -14.05
N THR A 92 1.71 -16.18 -14.87
CA THR A 92 2.03 -14.93 -15.53
C THR A 92 2.21 -13.89 -14.46
N TYR A 93 1.27 -13.91 -13.51
CA TYR A 93 1.26 -12.97 -12.41
C TYR A 93 1.50 -13.60 -11.05
N LEU A 94 2.68 -13.37 -10.49
CA LEU A 94 3.02 -13.89 -9.17
C LEU A 94 2.77 -12.83 -8.09
N ASN A 95 1.61 -12.19 -8.14
CA ASN A 95 1.33 -11.16 -7.16
C ASN A 95 0.61 -11.68 -5.93
N GLU A 96 0.36 -10.77 -5.00
CA GLU A 96 -0.29 -11.10 -3.76
C GLU A 96 -1.71 -11.67 -3.81
N ALA A 97 -2.48 -11.28 -4.81
CA ALA A 97 -3.84 -11.77 -4.92
C ALA A 97 -3.91 -13.14 -5.56
N SER A 98 -3.25 -13.28 -6.71
CA SER A 98 -3.24 -14.52 -7.45
C SER A 98 -2.59 -15.70 -6.72
N VAL A 99 -1.65 -15.40 -5.83
CA VAL A 99 -0.98 -16.46 -5.10
C VAL A 99 -1.95 -17.04 -4.08
N LEU A 100 -2.74 -16.17 -3.45
CA LEU A 100 -3.72 -16.65 -2.49
C LEU A 100 -4.63 -17.63 -3.23
N TYR A 101 -4.94 -17.30 -4.48
CA TYR A 101 -5.81 -18.14 -5.31
C TYR A 101 -5.26 -19.53 -5.50
N ASN A 102 -4.33 -19.63 -6.44
CA ASN A 102 -3.69 -20.88 -6.80
C ASN A 102 -3.40 -21.82 -5.65
N LEU A 103 -3.41 -21.30 -4.44
CA LEU A 103 -3.13 -22.15 -3.31
C LEU A 103 -4.44 -22.63 -2.72
N ARG A 104 -5.40 -21.72 -2.62
CA ARG A 104 -6.70 -22.09 -2.10
C ARG A 104 -7.34 -23.08 -3.06
N SER A 105 -7.15 -22.85 -4.36
CA SER A 105 -7.68 -23.72 -5.39
C SER A 105 -7.15 -25.11 -5.08
N ARG A 106 -5.83 -25.26 -5.13
CA ARG A 106 -5.24 -26.55 -4.83
C ARG A 106 -5.71 -27.06 -3.47
N TYR A 107 -5.58 -26.23 -2.44
CA TYR A 107 -5.97 -26.65 -1.11
C TYR A 107 -7.37 -27.25 -1.02
N THR A 108 -8.36 -26.64 -1.68
CA THR A 108 -9.71 -27.19 -1.61
C THR A 108 -9.79 -28.56 -2.30
N SER A 109 -8.85 -28.82 -3.21
CA SER A 109 -8.80 -30.09 -3.94
C SER A 109 -7.86 -31.11 -3.28
N GLY A 110 -7.36 -30.76 -2.11
CA GLY A 110 -6.47 -31.64 -1.35
C GLY A 110 -5.03 -31.88 -1.80
N LEU A 111 -4.56 -31.08 -2.76
CA LEU A 111 -3.17 -31.15 -3.17
C LEU A 111 -2.72 -30.30 -2.01
N ILE A 112 -1.65 -30.63 -1.32
CA ILE A 112 -1.36 -29.80 -0.19
C ILE A 112 0.05 -29.28 -0.33
N TYR A 113 0.47 -29.18 -1.57
CA TYR A 113 1.84 -28.78 -1.78
C TYR A 113 1.97 -27.93 -3.00
N THR A 114 2.97 -27.09 -3.02
CA THR A 114 3.14 -26.24 -4.18
C THR A 114 4.50 -25.65 -4.21
N TYR A 115 5.11 -25.56 -5.38
CA TYR A 115 6.42 -24.97 -5.41
C TYR A 115 6.39 -23.57 -5.98
N SER A 116 6.08 -22.56 -5.19
CA SER A 116 6.12 -21.22 -5.78
C SER A 116 7.59 -20.98 -6.01
N GLY A 117 8.07 -21.39 -7.17
CA GLY A 117 9.47 -21.23 -7.46
C GLY A 117 10.34 -22.10 -6.57
N LEU A 118 11.48 -21.56 -6.17
CA LEU A 118 12.45 -22.27 -5.33
C LEU A 118 12.03 -22.55 -3.89
N PHE A 119 10.72 -22.66 -3.64
CA PHE A 119 10.19 -22.94 -2.30
C PHE A 119 9.27 -24.14 -2.42
N CYS A 120 8.76 -24.58 -1.28
CA CYS A 120 7.86 -25.70 -1.24
C CYS A 120 6.78 -25.46 -0.20
N ILE A 121 5.79 -24.67 -0.58
CA ILE A 121 4.70 -24.33 0.31
C ILE A 121 3.94 -25.57 0.74
N ALA A 122 3.26 -25.48 1.86
CA ALA A 122 2.49 -26.61 2.34
C ALA A 122 1.37 -26.18 3.28
N VAL A 123 0.17 -26.03 2.73
CA VAL A 123 -0.98 -25.63 3.51
C VAL A 123 -1.32 -26.88 4.33
N ASN A 124 -1.61 -26.69 5.61
CA ASN A 124 -1.92 -27.81 6.48
C ASN A 124 -3.28 -28.43 6.19
N PRO A 125 -3.32 -29.77 6.12
CA PRO A 125 -4.52 -30.55 5.87
C PRO A 125 -5.53 -30.44 6.99
N TYR A 126 -5.11 -30.88 8.16
CA TYR A 126 -5.97 -30.88 9.34
C TYR A 126 -6.90 -32.03 9.01
N ARG A 127 -6.33 -32.99 8.29
CA ARG A 127 -7.03 -34.18 7.84
C ARG A 127 -5.94 -35.18 7.51
N ARG A 128 -6.19 -36.48 7.68
CA ARG A 128 -5.14 -37.43 7.35
C ARG A 128 -5.12 -37.64 5.84
N LEU A 129 -3.95 -37.58 5.24
CA LEU A 129 -3.85 -37.78 3.80
C LEU A 129 -3.09 -39.04 3.44
N PRO A 130 -3.48 -39.69 2.34
CA PRO A 130 -2.85 -40.93 1.87
C PRO A 130 -1.67 -40.71 0.93
N ILE A 131 -0.85 -39.69 1.16
CA ILE A 131 0.24 -39.44 0.22
C ILE A 131 1.66 -39.66 0.72
N TYR A 132 1.82 -40.40 1.81
CA TYR A 132 3.15 -40.63 2.37
C TYR A 132 3.48 -42.13 2.35
N THR A 133 2.59 -42.92 1.76
CA THR A 133 2.75 -44.37 1.70
C THR A 133 3.95 -44.79 0.86
N ASP A 134 4.49 -45.95 1.22
CA ASP A 134 5.64 -46.50 0.54
C ASP A 134 5.46 -46.48 -0.97
N SER A 135 4.26 -46.85 -1.44
CA SER A 135 4.00 -46.84 -2.87
C SER A 135 4.31 -45.46 -3.40
N VAL A 136 3.66 -44.47 -2.79
CA VAL A 136 3.84 -43.10 -3.19
C VAL A 136 5.28 -42.65 -3.04
N ILE A 137 5.94 -43.16 -2.01
CA ILE A 137 7.34 -42.81 -1.77
C ILE A 137 8.20 -43.21 -2.96
N ALA A 138 8.10 -44.48 -3.33
CA ALA A 138 8.85 -45.06 -4.44
C ALA A 138 8.48 -44.41 -5.77
N LYS A 139 7.24 -43.94 -5.89
CA LYS A 139 6.80 -43.27 -7.12
C LYS A 139 7.48 -41.90 -7.16
N TYR A 140 8.00 -41.48 -6.01
CA TYR A 140 8.71 -40.21 -5.87
C TYR A 140 10.21 -40.38 -5.81
N ARG A 141 10.62 -41.58 -5.43
CA ARG A 141 12.03 -41.90 -5.31
C ARG A 141 12.83 -41.52 -6.55
N GLY A 142 14.08 -41.12 -6.32
CA GLY A 142 14.97 -40.73 -7.41
C GLY A 142 14.50 -39.73 -8.46
N LYS A 143 13.22 -39.39 -8.48
CA LYS A 143 12.70 -38.47 -9.48
C LYS A 143 12.94 -36.96 -9.35
N ARG A 144 13.24 -36.36 -10.50
CA ARG A 144 13.48 -34.93 -10.65
C ARG A 144 12.19 -34.21 -10.29
N LYS A 145 12.32 -33.12 -9.55
CA LYS A 145 11.21 -32.29 -9.07
C LYS A 145 10.11 -31.95 -10.09
N THR A 146 10.41 -32.13 -11.37
CA THR A 146 9.49 -31.81 -12.46
C THR A 146 8.67 -32.92 -13.08
N GLU A 147 9.20 -34.14 -13.04
CA GLU A 147 8.53 -35.28 -13.63
C GLU A 147 7.51 -35.81 -12.65
N ILE A 148 7.44 -35.18 -11.48
CA ILE A 148 6.52 -35.63 -10.46
C ILE A 148 5.81 -34.44 -9.83
N PRO A 149 4.54 -34.60 -9.46
CA PRO A 149 3.80 -33.51 -8.85
C PRO A 149 4.40 -33.04 -7.54
N PRO A 150 4.06 -31.83 -7.12
CA PRO A 150 4.56 -31.27 -5.87
C PRO A 150 4.28 -32.23 -4.75
N HIS A 151 5.21 -32.30 -3.82
CA HIS A 151 5.04 -33.16 -2.66
C HIS A 151 6.30 -33.21 -1.83
N LEU A 152 6.13 -32.87 -0.55
CA LEU A 152 7.20 -32.87 0.42
C LEU A 152 8.31 -33.82 0.03
N PHE A 153 7.93 -35.04 -0.28
CA PHE A 153 8.88 -36.09 -0.62
C PHE A 153 10.02 -35.63 -1.49
N SER A 154 9.71 -35.39 -2.75
CA SER A 154 10.76 -34.98 -3.67
C SER A 154 11.53 -33.77 -3.14
N VAL A 155 11.05 -33.10 -2.09
CA VAL A 155 11.80 -31.96 -1.58
C VAL A 155 13.03 -32.52 -0.88
N ALA A 156 12.84 -33.69 -0.29
CA ALA A 156 13.87 -34.41 0.45
C ALA A 156 14.84 -35.13 -0.46
N ASP A 157 14.31 -35.68 -1.55
CA ASP A 157 15.13 -36.41 -2.51
C ASP A 157 16.21 -35.52 -3.03
N ASN A 158 15.79 -34.53 -3.82
CA ASN A 158 16.71 -33.59 -4.40
C ASN A 158 17.83 -33.25 -3.41
N ALA A 159 17.58 -33.41 -2.12
CA ALA A 159 18.61 -33.14 -1.11
C ALA A 159 19.58 -34.31 -1.14
N TYR A 160 19.05 -35.50 -0.86
CA TYR A 160 19.87 -36.70 -0.89
C TYR A 160 20.58 -36.79 -2.21
N GLN A 161 19.83 -36.60 -3.29
CA GLN A 161 20.39 -36.67 -4.62
C GLN A 161 21.65 -35.80 -4.69
N ASN A 162 21.48 -34.51 -4.37
CA ASN A 162 22.58 -33.55 -4.39
C ASN A 162 23.65 -33.94 -3.39
N MET A 163 23.23 -34.40 -2.22
CA MET A 163 24.18 -34.81 -1.20
C MET A 163 25.14 -35.83 -1.80
N VAL A 164 24.57 -36.87 -2.40
CA VAL A 164 25.34 -37.95 -3.02
C VAL A 164 26.28 -37.48 -4.10
N THR A 165 25.67 -36.95 -5.16
CA THR A 165 26.42 -36.50 -6.32
C THR A 165 27.15 -35.15 -6.24
N ASP A 166 26.63 -34.22 -5.44
CA ASP A 166 27.24 -32.91 -5.27
C ASP A 166 28.21 -32.96 -4.08
N ARG A 167 28.20 -34.09 -3.35
CA ARG A 167 29.05 -34.30 -2.17
C ARG A 167 29.13 -33.05 -1.30
N GLU A 168 28.09 -32.84 -0.51
CA GLU A 168 28.00 -31.68 0.37
C GLU A 168 26.91 -32.01 1.40
N ASN A 169 26.62 -31.08 2.30
CA ASN A 169 25.59 -31.30 3.31
C ASN A 169 24.30 -30.62 2.87
N GLN A 170 23.18 -31.23 3.19
CA GLN A 170 21.90 -30.68 2.80
C GLN A 170 21.03 -30.34 3.99
N SER A 171 20.31 -29.23 3.92
CA SER A 171 19.44 -28.86 5.02
C SER A 171 18.08 -28.42 4.54
N CYS A 172 17.03 -28.96 5.17
CA CYS A 172 15.67 -28.62 4.82
C CYS A 172 15.05 -27.91 6.01
N LEU A 173 15.11 -26.59 6.06
CA LEU A 173 14.49 -25.94 7.20
C LEU A 173 13.02 -25.64 6.93
N ILE A 174 12.15 -26.32 7.68
CA ILE A 174 10.68 -26.15 7.57
C ILE A 174 10.25 -25.08 8.54
N THR A 175 9.69 -23.99 8.03
CA THR A 175 9.29 -22.92 8.91
C THR A 175 7.89 -22.42 8.63
N GLY A 176 7.08 -22.31 9.65
CA GLY A 176 5.74 -21.79 9.43
C GLY A 176 5.31 -21.08 10.69
N GLU A 177 4.02 -20.90 10.85
CA GLU A 177 3.51 -20.27 12.07
C GLU A 177 3.37 -21.43 13.05
N SER A 178 2.48 -21.30 14.02
CA SER A 178 2.30 -22.37 15.00
C SER A 178 1.05 -23.20 14.72
N GLY A 179 1.23 -24.48 14.46
CA GLY A 179 0.09 -25.33 14.19
C GLY A 179 -0.11 -25.43 12.70
N ALA A 180 0.89 -24.92 11.99
CA ALA A 180 0.88 -24.92 10.55
C ALA A 180 1.15 -26.33 10.06
N GLY A 181 2.39 -26.77 10.18
CA GLY A 181 2.73 -28.10 9.72
C GLY A 181 4.15 -28.49 10.02
N LYS A 182 4.94 -27.52 10.48
CA LYS A 182 6.34 -27.77 10.78
C LYS A 182 6.63 -29.11 11.40
N THR A 183 6.40 -29.19 12.71
CA THR A 183 6.65 -30.40 13.48
C THR A 183 5.81 -31.57 12.99
N GLU A 184 5.57 -31.63 11.69
CA GLU A 184 4.78 -32.70 11.06
C GLU A 184 5.55 -33.16 9.85
N ASN A 185 5.62 -32.29 8.86
CA ASN A 185 6.36 -32.60 7.65
C ASN A 185 7.83 -32.76 7.99
N THR A 186 8.20 -32.52 9.24
CA THR A 186 9.60 -32.67 9.60
C THR A 186 9.78 -34.14 9.81
N LYS A 187 8.77 -34.73 10.40
CA LYS A 187 8.81 -36.15 10.65
C LYS A 187 8.79 -36.94 9.33
N LYS A 188 7.91 -36.55 8.41
CA LYS A 188 7.79 -37.20 7.12
C LYS A 188 9.13 -37.18 6.39
N VAL A 189 9.84 -36.07 6.51
CA VAL A 189 11.13 -35.94 5.85
C VAL A 189 12.18 -36.86 6.44
N ILE A 190 12.02 -37.25 7.70
CA ILE A 190 12.99 -38.16 8.30
C ILE A 190 12.54 -39.54 7.86
N MET A 191 11.27 -39.83 8.15
CA MET A 191 10.65 -41.10 7.82
C MET A 191 10.78 -41.48 6.35
N TYR A 192 10.79 -40.49 5.46
CA TYR A 192 10.95 -40.76 4.04
C TYR A 192 12.40 -41.10 3.80
N LEU A 193 13.24 -40.09 3.99
CA LEU A 193 14.68 -40.22 3.82
C LEU A 193 15.22 -41.51 4.43
N ALA A 194 14.41 -42.14 5.25
CA ALA A 194 14.81 -43.38 5.92
C ALA A 194 14.14 -44.58 5.28
N LYS A 195 13.20 -44.35 4.40
CA LYS A 195 12.49 -45.47 3.75
C LYS A 195 13.37 -45.78 2.58
N VAL A 196 14.20 -44.81 2.25
CA VAL A 196 14.89 -44.92 0.99
C VAL A 196 16.36 -45.26 0.94
N ALA A 197 16.90 -45.00 2.09
CA ALA A 197 18.33 -45.13 2.30
C ALA A 197 18.65 -46.08 3.42
N CYS A 198 17.70 -46.94 3.73
CA CYS A 198 17.90 -47.87 4.83
C CYS A 198 19.31 -48.42 4.74
N ALA A 199 19.68 -49.06 5.79
CA ALA A 199 20.99 -49.66 5.87
C ALA A 199 20.82 -51.15 5.91
N VAL A 200 19.88 -51.55 6.73
CA VAL A 200 19.64 -52.95 6.93
C VAL A 200 18.42 -53.24 7.77
N LYS A 211 13.39 -55.85 22.61
CA LYS A 211 14.31 -54.87 23.06
C LYS A 211 14.74 -53.97 21.90
N GLU A 212 16.00 -53.56 21.91
CA GLU A 212 16.53 -52.67 20.89
C GLU A 212 16.13 -53.07 19.47
N GLY A 213 15.62 -52.06 18.76
CA GLY A 213 15.15 -52.15 17.39
C GLY A 213 16.18 -51.70 16.36
N SER A 214 15.74 -51.46 15.12
CA SER A 214 16.64 -51.06 14.03
C SER A 214 16.94 -49.57 14.07
N LEU A 215 18.16 -49.21 13.70
CA LEU A 215 18.56 -47.82 13.70
C LEU A 215 17.47 -47.03 13.00
N GLU A 216 16.96 -47.58 11.91
CA GLU A 216 15.90 -46.91 11.21
C GLU A 216 14.79 -46.71 12.26
N ASP A 217 14.18 -47.81 12.70
CA ASP A 217 13.11 -47.78 13.71
C ASP A 217 13.34 -46.76 14.85
N GLN A 218 14.55 -46.77 15.41
CA GLN A 218 14.92 -45.89 16.52
C GLN A 218 14.83 -44.44 16.14
N ILE A 219 15.62 -44.04 15.16
CA ILE A 219 15.56 -42.66 14.69
C ILE A 219 14.10 -42.24 14.75
N ILE A 220 13.27 -42.89 13.95
CA ILE A 220 11.84 -42.62 13.88
C ILE A 220 11.19 -42.69 15.24
N GLN A 221 11.26 -43.84 15.90
CA GLN A 221 10.59 -43.95 17.18
C GLN A 221 10.96 -42.90 18.22
N ALA A 222 12.10 -42.26 18.04
CA ALA A 222 12.58 -41.23 18.97
C ALA A 222 11.80 -39.92 18.93
N ASN A 223 10.53 -40.00 18.57
CA ASN A 223 9.72 -38.80 18.50
C ASN A 223 8.67 -38.84 19.59
N PRO A 224 7.91 -39.94 19.67
CA PRO A 224 6.89 -39.96 20.73
C PRO A 224 7.45 -39.66 22.12
N VAL A 225 8.75 -39.86 22.30
CA VAL A 225 9.38 -39.57 23.59
C VAL A 225 9.63 -38.08 23.68
N LEU A 226 10.55 -37.59 22.84
CA LEU A 226 10.88 -36.17 22.83
C LEU A 226 9.62 -35.31 22.79
N GLU A 227 8.66 -35.80 22.03
CA GLU A 227 7.39 -35.12 21.83
C GLU A 227 6.53 -35.26 23.08
N ALA A 228 6.69 -36.40 23.76
CA ALA A 228 5.93 -36.72 24.97
C ALA A 228 6.22 -35.74 26.08
N TYR A 229 7.49 -35.36 26.18
CA TYR A 229 7.95 -34.45 27.22
C TYR A 229 8.03 -33.00 26.77
N GLY A 230 8.32 -32.79 25.49
CA GLY A 230 8.46 -31.43 25.00
C GLY A 230 7.30 -30.78 24.26
N ASN A 231 6.18 -31.49 24.15
CA ASN A 231 5.01 -30.97 23.45
C ASN A 231 3.80 -30.88 24.38
N ALA A 232 2.93 -29.88 24.12
CA ALA A 232 1.73 -29.70 24.93
C ALA A 232 0.67 -28.93 24.16
N LYS A 233 -0.53 -28.87 24.72
CA LYS A 233 -1.61 -28.17 24.06
C LYS A 233 -1.55 -26.66 24.20
N THR A 234 -1.77 -25.99 23.07
CA THR A 234 -1.81 -24.54 22.95
C THR A 234 -3.12 -24.28 22.21
N THR A 235 -3.85 -23.22 22.55
CA THR A 235 -5.11 -22.96 21.85
C THR A 235 -4.86 -23.18 20.38
N ARG A 236 -3.80 -22.56 19.90
CA ARG A 236 -3.43 -22.67 18.50
C ARG A 236 -3.21 -24.09 18.05
N ASN A 237 -2.70 -24.94 18.93
CA ASN A 237 -2.42 -26.28 18.51
C ASN A 237 -2.32 -27.32 19.64
N ASN A 238 -3.11 -28.38 19.50
CA ASN A 238 -3.17 -29.48 20.49
C ASN A 238 -1.77 -30.01 20.85
N ASN A 239 -0.97 -30.22 19.81
CA ASN A 239 0.38 -30.76 19.93
C ASN A 239 1.43 -29.76 19.49
N SER A 240 1.55 -28.70 20.28
CA SER A 240 2.50 -27.64 20.00
C SER A 240 3.85 -28.10 20.46
N SER A 241 4.86 -27.82 19.65
CA SER A 241 6.18 -28.23 20.02
C SER A 241 6.82 -27.14 20.84
N ARG A 242 6.93 -27.38 22.15
CA ARG A 242 7.51 -26.38 22.99
C ARG A 242 8.99 -26.22 22.82
N PHE A 243 9.63 -27.05 22.00
CA PHE A 243 11.05 -26.82 21.82
C PHE A 243 11.53 -26.90 20.38
N GLY A 244 12.74 -26.40 20.18
CA GLY A 244 13.33 -26.48 18.87
C GLY A 244 13.92 -27.86 18.71
N LYS A 245 14.27 -28.21 17.49
CA LYS A 245 14.84 -29.51 17.21
C LYS A 245 15.64 -29.35 15.94
N PHE A 246 16.70 -30.13 15.83
CA PHE A 246 17.54 -30.10 14.64
C PHE A 246 18.19 -31.47 14.53
N ILE A 247 17.53 -32.36 13.83
CA ILE A 247 18.05 -33.71 13.66
C ILE A 247 18.88 -33.78 12.37
N ARG A 248 20.05 -34.39 12.46
CA ARG A 248 20.92 -34.55 11.31
C ARG A 248 20.80 -36.01 10.95
N ILE A 249 21.15 -36.35 9.72
CA ILE A 249 21.10 -37.73 9.28
C ILE A 249 22.27 -37.91 8.32
N HIS A 250 23.30 -38.58 8.83
CA HIS A 250 24.53 -38.82 8.10
C HIS A 250 24.41 -40.05 7.24
N PHE A 251 25.18 -40.06 6.16
CA PHE A 251 25.14 -41.21 5.29
C PHE A 251 26.51 -41.81 5.02
N GLY A 252 26.56 -43.14 4.98
CA GLY A 252 27.82 -43.83 4.75
C GLY A 252 28.39 -43.68 3.36
N PRO A 253 29.63 -44.13 3.14
CA PRO A 253 30.31 -44.07 1.84
C PRO A 253 29.57 -44.78 0.71
N THR A 254 28.34 -45.19 0.98
CA THR A 254 27.54 -45.87 -0.02
C THR A 254 26.15 -45.23 0.01
N GLY A 255 26.12 -44.00 0.48
CA GLY A 255 24.87 -43.27 0.57
C GLY A 255 23.83 -43.95 1.43
N LYS A 256 24.24 -44.53 2.55
CA LYS A 256 23.28 -45.20 3.41
C LYS A 256 23.23 -44.45 4.74
N ILE A 257 22.17 -44.66 5.52
CA ILE A 257 22.08 -43.99 6.81
C ILE A 257 23.18 -44.51 7.71
N ALA A 258 24.16 -43.67 8.01
CA ALA A 258 25.25 -44.09 8.88
C ALA A 258 24.89 -43.75 10.33
N GLY A 259 24.03 -42.75 10.50
CA GLY A 259 23.61 -42.34 11.82
C GLY A 259 22.98 -40.95 11.90
N ALA A 260 22.39 -40.63 13.05
CA ALA A 260 21.75 -39.34 13.27
C ALA A 260 22.05 -38.82 14.67
N ASP A 261 21.90 -37.51 14.85
CA ASP A 261 22.13 -36.87 16.14
C ASP A 261 21.17 -35.70 16.29
N ILE A 262 20.47 -35.66 17.40
CA ILE A 262 19.50 -34.62 17.67
C ILE A 262 20.09 -33.48 18.48
N GLU A 263 19.37 -32.36 18.51
CA GLU A 263 19.82 -31.20 19.27
C GLU A 263 18.64 -30.26 19.53
N THR A 264 17.97 -30.46 20.66
CA THR A 264 16.83 -29.64 21.08
C THR A 264 17.21 -28.24 21.58
N TYR A 265 16.40 -27.24 21.20
CA TYR A 265 16.62 -25.86 21.66
C TYR A 265 15.49 -25.21 22.45
N LEU A 266 15.82 -24.65 23.61
CA LEU A 266 14.89 -23.88 24.43
C LEU A 266 13.57 -24.47 24.92
N LEU A 267 13.66 -25.58 25.62
CA LEU A 267 12.45 -26.18 26.17
C LEU A 267 11.71 -25.10 26.96
N GLU A 268 10.39 -25.19 27.04
CA GLU A 268 9.64 -24.19 27.78
C GLU A 268 9.49 -24.63 29.22
N LYS A 269 10.54 -24.42 30.00
CA LYS A 269 10.54 -24.82 31.39
C LYS A 269 9.29 -24.36 32.12
N SER A 270 8.97 -23.08 31.98
CA SER A 270 7.81 -22.50 32.66
C SER A 270 6.47 -23.27 32.63
N ARG A 271 6.19 -24.05 31.59
CA ARG A 271 4.91 -24.78 31.48
C ARG A 271 4.73 -25.90 32.52
N VAL A 272 5.84 -26.52 32.92
CA VAL A 272 5.86 -27.63 33.88
C VAL A 272 4.99 -27.40 35.12
N THR A 273 4.84 -26.13 35.48
CA THR A 273 4.07 -25.76 36.66
C THR A 273 2.91 -24.80 36.40
N TYR A 274 2.75 -24.35 35.17
CA TYR A 274 1.66 -23.42 34.88
C TYR A 274 1.08 -23.61 33.50
N GLN A 275 -0.22 -23.38 33.42
CA GLN A 275 -0.93 -23.46 32.16
C GLN A 275 -1.91 -22.32 32.06
N GLN A 276 -1.94 -21.68 30.90
CA GLN A 276 -2.88 -20.62 30.67
C GLN A 276 -4.12 -21.46 30.54
N SER A 277 -5.30 -20.92 30.82
CA SER A 277 -6.48 -21.76 30.70
C SER A 277 -6.50 -22.18 29.25
N ALA A 278 -7.14 -23.30 28.97
CA ALA A 278 -7.21 -23.80 27.61
C ALA A 278 -5.92 -24.43 27.09
N GLU A 279 -5.01 -24.80 28.00
CA GLU A 279 -3.77 -25.45 27.59
C GLU A 279 -3.47 -26.58 28.52
N ARG A 280 -2.54 -27.43 28.14
CA ARG A 280 -2.22 -28.54 29.00
C ARG A 280 -0.75 -28.60 29.29
N ASN A 281 -0.37 -29.47 30.20
CA ASN A 281 1.04 -29.53 30.48
C ASN A 281 1.58 -30.48 29.44
N TYR A 282 2.90 -30.63 29.44
CA TYR A 282 3.54 -31.50 28.49
C TYR A 282 2.79 -32.82 28.49
N HIS A 283 2.29 -33.18 27.32
CA HIS A 283 1.53 -34.41 27.14
C HIS A 283 1.75 -35.51 28.22
N ILE A 284 2.95 -36.09 28.28
CA ILE A 284 3.25 -37.15 29.25
C ILE A 284 2.44 -37.05 30.53
N PHE A 285 2.74 -36.06 31.37
CA PHE A 285 2.03 -35.89 32.63
C PHE A 285 0.60 -36.39 32.53
N TYR A 286 -0.10 -35.92 31.50
CA TYR A 286 -1.48 -36.32 31.32
C TYR A 286 -1.61 -37.78 31.01
N GLN A 287 -0.69 -38.32 30.20
CA GLN A 287 -0.80 -39.73 29.92
C GLN A 287 -0.31 -40.58 31.10
N ILE A 288 0.65 -40.08 31.85
CA ILE A 288 1.15 -40.80 33.01
C ILE A 288 -0.01 -41.16 33.95
N CYS A 289 -1.06 -40.32 33.97
CA CYS A 289 -2.22 -40.56 34.81
C CYS A 289 -3.30 -41.17 33.95
N SER A 290 -2.92 -41.65 32.77
CA SER A 290 -3.85 -42.24 31.83
C SER A 290 -4.30 -43.61 32.29
N ASN A 291 -3.39 -44.30 32.97
CA ASN A 291 -3.62 -45.64 33.48
C ASN A 291 -3.46 -46.63 32.35
N ALA A 292 -2.53 -46.32 31.45
CA ALA A 292 -2.25 -47.15 30.29
C ALA A 292 -1.54 -48.41 30.72
N ILE A 293 -0.55 -48.22 31.59
CA ILE A 293 0.21 -49.33 32.13
C ILE A 293 -0.02 -49.30 33.64
N PRO A 294 -1.19 -49.78 34.08
CA PRO A 294 -1.61 -49.85 35.50
C PRO A 294 -0.50 -50.41 36.36
N GLU A 295 0.22 -51.37 35.79
CA GLU A 295 1.33 -52.02 36.48
C GLU A 295 2.46 -51.01 36.72
N LEU A 296 2.13 -49.72 36.71
CA LEU A 296 3.12 -48.68 36.95
C LEU A 296 2.56 -47.61 37.89
N ASN A 297 1.25 -47.57 38.05
CA ASN A 297 0.64 -46.58 38.94
C ASN A 297 1.44 -46.63 40.22
N ASP A 298 1.60 -47.84 40.75
CA ASP A 298 2.33 -48.02 41.98
C ASP A 298 3.85 -47.86 41.82
N VAL A 299 4.37 -47.91 40.60
CA VAL A 299 5.81 -47.72 40.45
C VAL A 299 6.15 -46.25 40.57
N MET A 300 5.18 -45.41 40.22
CA MET A 300 5.38 -43.98 40.26
C MET A 300 4.62 -43.36 41.41
N LEU A 301 3.73 -44.14 41.99
CA LEU A 301 2.94 -43.66 43.12
C LEU A 301 1.85 -42.73 42.64
N VAL A 302 1.61 -42.70 41.34
CA VAL A 302 0.57 -41.84 40.80
C VAL A 302 -0.82 -42.45 40.90
N THR A 303 -1.82 -41.59 41.01
CA THR A 303 -3.19 -42.06 41.02
C THR A 303 -3.70 -41.60 39.68
N PRO A 304 -4.05 -42.56 38.81
CA PRO A 304 -4.56 -42.30 37.47
C PRO A 304 -5.67 -41.29 37.48
N ASP A 305 -5.28 -40.04 37.48
CA ASP A 305 -6.19 -38.94 37.48
C ASP A 305 -5.30 -37.77 37.17
N SER A 306 -5.60 -37.06 36.11
CA SER A 306 -4.78 -35.93 35.74
C SER A 306 -5.28 -34.78 36.58
N GLY A 307 -6.55 -34.48 36.41
CA GLY A 307 -7.16 -33.37 37.14
C GLY A 307 -7.04 -33.36 38.65
N LEU A 308 -5.99 -33.95 39.18
CA LEU A 308 -5.86 -34.00 40.62
C LEU A 308 -4.57 -33.39 41.12
N TYR A 309 -3.63 -33.21 40.20
CA TYR A 309 -2.33 -32.66 40.54
C TYR A 309 -2.27 -31.21 40.08
N SER A 310 -2.06 -30.31 41.02
CA SER A 310 -2.02 -28.89 40.69
C SER A 310 -1.14 -28.52 39.51
N PHE A 311 0.02 -29.14 39.37
CA PHE A 311 0.86 -28.75 38.27
C PHE A 311 0.36 -29.03 36.85
N ILE A 312 -0.48 -30.05 36.64
CA ILE A 312 -0.98 -30.30 35.29
C ILE A 312 -2.41 -29.84 35.04
N ASN A 313 -3.28 -29.90 36.04
CA ASN A 313 -4.66 -29.45 35.83
C ASN A 313 -4.94 -27.93 35.93
N GLN A 314 -4.20 -27.03 35.32
CA GLN A 314 -4.61 -25.64 35.53
C GLN A 314 -5.42 -25.20 34.35
N GLY A 315 -5.08 -25.76 33.21
CA GLY A 315 -5.80 -25.42 32.01
C GLY A 315 -6.72 -26.57 31.68
N CYS A 316 -6.89 -26.84 30.39
CA CYS A 316 -7.73 -27.95 29.97
C CYS A 316 -6.93 -29.21 30.33
N LEU A 317 -7.62 -30.33 30.47
CA LEU A 317 -6.98 -31.60 30.84
C LEU A 317 -6.96 -32.65 29.72
N THR A 318 -7.57 -32.32 28.58
CA THR A 318 -7.67 -33.23 27.44
C THR A 318 -7.73 -32.56 26.06
N VAL A 319 -6.91 -33.03 25.12
CA VAL A 319 -6.90 -32.50 23.76
C VAL A 319 -7.72 -33.45 22.90
N ASP A 320 -8.79 -32.93 22.33
CA ASP A 320 -9.67 -33.71 21.49
C ASP A 320 -8.84 -34.39 20.41
N ASN A 321 -9.01 -35.70 20.28
CA ASN A 321 -8.31 -36.46 19.25
C ASN A 321 -6.84 -36.75 19.55
N ILE A 322 -6.55 -36.94 20.83
CA ILE A 322 -5.23 -37.26 21.34
C ILE A 322 -5.51 -38.18 22.50
N ASP A 323 -5.44 -39.49 22.23
CA ASP A 323 -5.70 -40.47 23.26
C ASP A 323 -4.44 -40.61 24.10
N ASP A 324 -4.56 -40.36 25.40
CA ASP A 324 -3.42 -40.45 26.28
C ASP A 324 -3.05 -41.92 26.49
N VAL A 325 -3.95 -42.67 27.10
CA VAL A 325 -3.73 -44.09 27.36
C VAL A 325 -2.91 -44.70 26.24
N GLU A 326 -3.31 -44.42 25.01
CA GLU A 326 -2.57 -44.95 23.90
C GLU A 326 -1.26 -44.25 23.72
N GLU A 327 -1.29 -42.94 23.52
CA GLU A 327 -0.04 -42.22 23.34
C GLU A 327 0.92 -42.54 24.48
N PHE A 328 0.41 -43.15 25.55
CA PHE A 328 1.28 -43.51 26.66
C PHE A 328 1.96 -44.81 26.28
N LYS A 329 1.13 -45.81 26.03
CA LYS A 329 1.62 -47.11 25.65
C LYS A 329 2.60 -46.97 24.50
N LEU A 330 2.23 -46.18 23.52
CA LEU A 330 3.10 -46.01 22.37
C LEU A 330 4.42 -45.38 22.80
N CYS A 331 4.34 -44.47 23.78
CA CYS A 331 5.51 -43.79 24.31
C CYS A 331 6.49 -44.84 24.83
N ASP A 332 6.06 -45.52 25.88
CA ASP A 332 6.80 -46.60 26.52
C ASP A 332 7.52 -47.45 25.45
N GLU A 333 6.71 -48.07 24.59
CA GLU A 333 7.19 -48.87 23.46
C GLU A 333 8.43 -48.22 22.91
N ALA A 334 8.29 -46.94 22.58
CA ALA A 334 9.38 -46.19 22.02
C ALA A 334 10.63 -46.33 22.84
N PHE A 335 10.53 -46.22 24.16
CA PHE A 335 11.74 -46.34 24.94
C PHE A 335 12.39 -47.66 24.61
N ASP A 336 11.63 -48.75 24.73
CA ASP A 336 12.18 -50.07 24.44
C ASP A 336 13.07 -50.08 23.22
N ILE A 337 12.56 -49.49 22.16
CA ILE A 337 13.28 -49.44 20.89
C ILE A 337 14.49 -48.52 20.81
N LEU A 338 14.55 -47.50 21.64
CA LEU A 338 15.70 -46.59 21.63
C LEU A 338 16.90 -47.23 22.32
N GLY A 339 16.64 -48.32 23.03
CA GLY A 339 17.69 -49.02 23.73
C GLY A 339 17.51 -48.90 25.22
N PHE A 340 16.58 -48.05 25.63
CA PHE A 340 16.31 -47.86 27.03
C PHE A 340 16.12 -49.22 27.68
N THR A 341 16.40 -49.31 28.97
CA THR A 341 16.24 -50.56 29.71
C THR A 341 14.95 -50.48 30.52
N LYS A 342 14.76 -51.40 31.46
CA LYS A 342 13.57 -51.32 32.29
C LYS A 342 13.97 -50.32 33.34
N GLU A 343 15.25 -50.32 33.66
CA GLU A 343 15.77 -49.39 34.66
C GLU A 343 15.56 -47.98 34.15
N GLU A 344 16.52 -47.48 33.39
CA GLU A 344 16.45 -46.16 32.81
C GLU A 344 15.00 -45.74 32.58
N LYS A 345 14.32 -46.50 31.74
CA LYS A 345 12.92 -46.24 31.43
C LYS A 345 12.14 -45.83 32.67
N GLN A 346 11.78 -46.82 33.48
CA GLN A 346 11.02 -46.54 34.69
C GLN A 346 11.55 -45.35 35.46
N SER A 347 12.87 -45.16 35.50
CA SER A 347 13.38 -44.01 36.22
C SER A 347 12.72 -42.78 35.64
N MET A 348 12.91 -42.56 34.33
CA MET A 348 12.30 -41.43 33.64
C MET A 348 10.96 -41.19 34.25
N PHE A 349 10.06 -42.13 34.00
CA PHE A 349 8.73 -42.02 34.55
C PHE A 349 8.72 -41.54 35.97
N LYS A 350 9.39 -42.26 36.87
CA LYS A 350 9.41 -41.86 38.27
C LYS A 350 9.68 -40.38 38.46
N CYS A 351 10.87 -39.92 38.09
CA CYS A 351 11.20 -38.52 38.23
C CYS A 351 10.07 -37.64 37.69
N THR A 352 9.45 -38.08 36.61
CA THR A 352 8.36 -37.33 36.01
C THR A 352 7.18 -37.37 36.94
N ALA A 353 6.88 -38.56 37.45
CA ALA A 353 5.76 -38.76 38.34
C ALA A 353 5.95 -37.89 39.57
N SER A 354 7.18 -37.87 40.05
CA SER A 354 7.50 -37.09 41.23
C SER A 354 7.01 -35.67 41.13
N ILE A 355 7.39 -34.98 40.07
CA ILE A 355 6.95 -33.61 39.89
C ILE A 355 5.49 -33.44 40.28
N LEU A 356 4.60 -34.28 39.76
CA LEU A 356 3.19 -34.15 40.12
C LEU A 356 3.10 -33.86 41.63
N HIS A 357 3.79 -34.69 42.43
CA HIS A 357 3.81 -34.60 43.88
C HIS A 357 4.57 -33.40 44.40
N MET A 358 5.76 -33.12 43.85
CA MET A 358 6.50 -31.97 44.28
C MET A 358 5.48 -30.87 44.29
N GLY A 359 4.51 -31.01 43.38
CA GLY A 359 3.47 -30.00 43.26
C GLY A 359 2.47 -29.98 44.38
N GLU A 360 2.19 -31.16 44.94
CA GLU A 360 1.23 -31.27 46.03
C GLU A 360 1.75 -30.94 47.43
N MET A 361 3.06 -30.89 47.62
CA MET A 361 3.61 -30.58 48.94
C MET A 361 2.95 -29.31 49.50
N LYS A 362 2.01 -29.50 50.43
CA LYS A 362 1.33 -28.36 51.03
C LYS A 362 2.13 -27.77 52.18
N PHE A 363 1.86 -26.51 52.49
CA PHE A 363 2.55 -25.80 53.57
C PHE A 363 1.57 -24.91 54.32
N GLN A 371 1.99 -16.80 57.53
CA GLN A 371 2.90 -17.72 56.87
C GLN A 371 2.71 -19.08 57.51
N ALA A 372 3.41 -20.09 57.01
CA ALA A 372 3.29 -21.43 57.56
C ALA A 372 4.45 -22.23 57.02
N GLU A 373 4.81 -23.31 57.71
CA GLU A 373 5.89 -24.14 57.19
C GLU A 373 5.20 -25.45 56.76
N SER A 374 5.79 -26.62 56.95
CA SER A 374 5.19 -27.89 56.48
C SER A 374 3.76 -28.28 56.92
N ASP A 375 2.81 -28.36 55.98
CA ASP A 375 1.45 -28.80 56.33
C ASP A 375 1.28 -30.25 55.95
N GLY A 376 1.74 -31.12 56.83
CA GLY A 376 1.66 -32.54 56.56
C GLY A 376 2.96 -32.70 55.81
N THR A 377 3.30 -33.93 55.47
CA THR A 377 4.52 -34.23 54.74
C THR A 377 4.15 -35.51 54.05
N ALA A 378 2.89 -35.85 54.23
CA ALA A 378 2.27 -37.05 53.68
C ALA A 378 2.57 -37.29 52.21
N GLU A 379 2.71 -36.22 51.43
CA GLU A 379 3.00 -36.37 50.00
C GLU A 379 4.46 -36.13 49.71
N ALA A 380 4.99 -35.08 50.32
CA ALA A 380 6.39 -34.69 50.18
C ALA A 380 7.23 -35.93 50.29
N GLU A 381 6.63 -36.97 50.85
CA GLU A 381 7.31 -38.24 51.01
C GLU A 381 7.36 -38.98 49.68
N LYS A 382 6.24 -39.01 48.96
CA LYS A 382 6.24 -39.68 47.65
C LYS A 382 7.44 -39.17 46.87
N VAL A 383 7.65 -37.86 46.92
CA VAL A 383 8.77 -37.22 46.24
C VAL A 383 10.06 -37.74 46.85
N ALA A 384 10.05 -37.89 48.17
CA ALA A 384 11.21 -38.37 48.89
C ALA A 384 11.65 -39.76 48.43
N PHE A 385 10.68 -40.63 48.24
CA PHE A 385 10.87 -42.02 47.82
C PHE A 385 11.26 -42.16 46.35
N LEU A 386 10.53 -41.46 45.49
CA LEU A 386 10.77 -41.50 44.05
C LEU A 386 12.18 -41.10 43.65
N CYS A 387 12.62 -39.93 44.09
CA CYS A 387 13.96 -39.50 43.74
C CYS A 387 15.04 -40.27 44.46
N GLY A 388 14.62 -41.28 45.21
CA GLY A 388 15.55 -42.12 45.94
C GLY A 388 16.40 -41.45 47.00
N ILE A 389 15.89 -40.41 47.65
CA ILE A 389 16.64 -39.78 48.72
C ILE A 389 15.72 -39.78 49.94
N ASN A 390 16.07 -39.06 50.99
CA ASN A 390 15.26 -39.09 52.21
C ASN A 390 14.24 -37.99 52.43
N ALA A 391 13.10 -38.38 53.01
CA ALA A 391 12.03 -37.42 53.27
C ALA A 391 12.52 -36.30 54.20
N GLY A 392 13.32 -36.68 55.19
CA GLY A 392 13.86 -35.75 56.18
C GLY A 392 14.82 -34.76 55.58
N ASP A 393 16.00 -35.22 55.17
CA ASP A 393 16.97 -34.34 54.56
C ASP A 393 16.24 -33.30 53.67
N LEU A 394 15.52 -33.75 52.64
CA LEU A 394 14.77 -32.90 51.71
C LEU A 394 13.82 -31.90 52.37
N LEU A 395 12.69 -32.41 52.86
CA LEU A 395 11.68 -31.61 53.52
C LEU A 395 12.36 -30.64 54.46
N LYS A 396 13.59 -30.96 54.85
CA LYS A 396 14.32 -30.08 55.74
C LYS A 396 15.02 -28.95 54.99
N ALA A 397 15.87 -29.32 54.05
CA ALA A 397 16.62 -28.35 53.25
C ALA A 397 15.72 -27.34 52.56
N LEU A 398 14.50 -27.77 52.26
CA LEU A 398 13.55 -26.91 51.58
C LEU A 398 13.09 -25.74 52.47
N LEU A 399 13.56 -25.67 53.71
CA LEU A 399 13.15 -24.61 54.64
C LEU A 399 14.34 -24.00 55.36
N LYS A 400 15.41 -24.77 55.49
CA LYS A 400 16.59 -24.32 56.20
C LYS A 400 17.85 -24.79 55.44
N PRO A 401 18.16 -24.16 54.31
CA PRO A 401 19.31 -24.46 53.43
C PRO A 401 20.61 -23.74 53.79
N LYS A 402 21.69 -24.08 53.04
CA LYS A 402 23.09 -23.58 53.24
C LYS A 402 23.80 -22.94 52.05
N VAL A 403 25.00 -22.40 52.39
CA VAL A 403 25.94 -21.73 51.50
C VAL A 403 27.38 -22.25 51.68
N THR A 407 33.86 -19.27 51.67
CA THR A 407 33.63 -17.84 51.82
C THR A 407 32.62 -18.10 52.88
N GLU A 408 32.09 -17.17 53.62
CA GLU A 408 31.26 -17.79 54.63
C GLU A 408 30.38 -18.94 54.07
N MET A 409 30.09 -19.90 54.96
CA MET A 409 29.23 -21.10 54.72
C MET A 409 28.03 -21.13 55.76
N VAL A 410 26.86 -20.52 55.49
CA VAL A 410 25.76 -20.49 56.52
C VAL A 410 24.50 -21.40 56.41
N THR A 411 23.39 -20.92 56.99
CA THR A 411 22.05 -21.58 57.02
C THR A 411 21.01 -20.47 56.85
N LYS A 412 20.05 -20.63 55.94
CA LYS A 412 19.05 -19.58 55.76
C LYS A 412 17.59 -19.97 55.99
N GLY A 413 16.76 -18.95 56.17
CA GLY A 413 15.35 -19.17 56.40
C GLY A 413 14.54 -18.79 55.16
N GLN A 414 13.52 -19.60 54.87
CA GLN A 414 12.64 -19.40 53.72
C GLN A 414 11.18 -19.38 54.18
N ASN A 415 10.36 -18.48 53.64
CA ASN A 415 8.96 -18.41 54.06
C ASN A 415 7.99 -19.08 53.10
N MET A 416 6.70 -18.89 53.38
CA MET A 416 5.62 -19.45 52.57
C MET A 416 5.91 -19.46 51.07
N ASN A 417 6.66 -18.47 50.58
CA ASN A 417 7.00 -18.37 49.16
C ASN A 417 8.44 -18.76 48.94
N GLN A 418 9.30 -18.30 49.84
CA GLN A 418 10.72 -18.63 49.75
C GLN A 418 10.80 -20.15 49.71
N VAL A 419 9.65 -20.81 49.69
CA VAL A 419 9.62 -22.25 49.63
C VAL A 419 8.74 -22.77 48.49
N VAL A 420 7.52 -22.27 48.36
CA VAL A 420 6.70 -22.75 47.24
C VAL A 420 7.46 -22.55 45.93
N ASN A 421 7.72 -21.30 45.55
CA ASN A 421 8.46 -21.07 44.30
C ASN A 421 9.83 -21.74 44.31
N SER A 422 10.25 -22.21 45.49
CA SER A 422 11.53 -22.88 45.61
C SER A 422 11.29 -24.29 45.14
N VAL A 423 10.05 -24.71 45.23
CA VAL A 423 9.67 -26.03 44.79
C VAL A 423 9.43 -25.91 43.30
N GLY A 424 8.66 -24.90 42.94
CA GLY A 424 8.39 -24.64 41.54
C GLY A 424 9.72 -24.83 40.82
N ALA A 425 10.74 -24.07 41.21
CA ALA A 425 12.06 -24.16 40.58
C ALA A 425 12.70 -25.55 40.62
N LEU A 426 12.38 -26.31 41.67
CA LEU A 426 12.91 -27.66 41.81
C LEU A 426 12.43 -28.45 40.59
N ALA A 427 11.11 -28.62 40.51
CA ALA A 427 10.43 -29.33 39.42
C ALA A 427 10.97 -28.89 38.06
N LYS A 428 10.67 -27.66 37.67
CA LYS A 428 11.14 -27.12 36.40
C LYS A 428 12.56 -27.62 36.11
N SER A 429 13.51 -27.28 36.99
CA SER A 429 14.89 -27.71 36.83
C SER A 429 14.96 -29.21 36.57
N LEU A 430 14.31 -30.02 37.41
CA LEU A 430 14.35 -31.46 37.18
C LEU A 430 13.92 -31.73 35.73
N TYR A 431 12.64 -31.48 35.43
CA TYR A 431 12.07 -31.70 34.09
C TYR A 431 13.03 -31.23 33.03
N ASP A 432 13.65 -30.09 33.25
CA ASP A 432 14.60 -29.59 32.28
C ASP A 432 15.78 -30.56 32.25
N ARG A 433 16.59 -30.57 33.31
CA ARG A 433 17.75 -31.47 33.39
C ARG A 433 17.41 -32.84 32.82
N MET A 434 16.16 -33.26 32.99
CA MET A 434 15.71 -34.55 32.52
C MET A 434 15.63 -34.52 31.00
N PHE A 435 14.82 -33.62 30.48
CA PHE A 435 14.70 -33.53 29.03
C PHE A 435 16.05 -33.67 28.34
N ASN A 436 17.03 -32.88 28.77
CA ASN A 436 18.35 -32.93 28.17
C ASN A 436 18.89 -34.33 28.25
N TRP A 437 18.58 -35.03 29.33
CA TRP A 437 19.07 -36.38 29.44
C TRP A 437 18.42 -37.20 28.34
N LEU A 438 17.13 -36.97 28.11
CA LEU A 438 16.40 -37.70 27.11
C LEU A 438 16.98 -37.54 25.71
N VAL A 439 17.42 -36.34 25.38
CA VAL A 439 18.00 -36.11 24.06
C VAL A 439 19.34 -36.81 24.04
N ARG A 440 20.22 -36.29 24.88
CA ARG A 440 21.56 -36.79 25.05
C ARG A 440 21.49 -38.30 25.01
N ARG A 441 20.61 -38.89 25.82
CA ARG A 441 20.49 -40.35 25.82
C ARG A 441 20.15 -40.89 24.44
N VAL A 442 19.22 -40.25 23.74
CA VAL A 442 18.81 -40.69 22.43
C VAL A 442 19.94 -40.54 21.41
N ASN A 443 20.75 -39.49 21.56
CA ASN A 443 21.85 -39.29 20.64
C ASN A 443 22.89 -40.38 20.83
N LYS A 444 22.76 -41.13 21.93
CA LYS A 444 23.70 -42.19 22.21
C LYS A 444 23.29 -43.43 21.43
N THR A 445 21.99 -43.74 21.49
CA THR A 445 21.47 -44.91 20.81
C THR A 445 21.61 -44.91 19.28
N LEU A 446 22.02 -43.79 18.72
CA LEU A 446 22.19 -43.67 17.26
C LEU A 446 23.55 -43.06 16.99
N ASP A 447 24.51 -43.34 17.86
CA ASP A 447 25.83 -42.77 17.69
C ASP A 447 26.75 -43.72 16.98
N THR A 448 26.18 -44.81 16.48
CA THR A 448 26.97 -45.80 15.78
C THR A 448 28.08 -45.09 15.00
N LYS A 449 29.30 -45.61 15.07
CA LYS A 449 30.42 -44.98 14.38
C LYS A 449 30.64 -45.35 12.91
N ALA A 450 29.60 -45.80 12.22
CA ALA A 450 29.77 -46.12 10.78
C ALA A 450 30.45 -44.88 10.19
N LYS A 451 31.20 -45.01 9.09
CA LYS A 451 31.89 -43.84 8.55
C LYS A 451 30.86 -42.81 8.08
N ARG A 452 31.08 -41.53 8.36
CA ARG A 452 30.13 -40.48 8.00
C ARG A 452 30.69 -39.62 6.89
N ASN A 453 29.85 -39.29 5.91
CA ASN A 453 30.37 -38.44 4.88
C ASN A 453 29.53 -37.18 4.62
N TYR A 454 28.22 -37.23 4.34
CA TYR A 454 27.55 -35.93 4.29
C TYR A 454 26.27 -36.14 5.11
N TYR A 455 25.57 -35.08 5.48
CA TYR A 455 24.34 -35.25 6.26
C TYR A 455 23.18 -34.43 5.73
N ILE A 456 21.97 -34.83 6.10
CA ILE A 456 20.78 -34.11 5.66
C ILE A 456 20.04 -33.72 6.93
N GLY A 457 20.38 -32.57 7.49
CA GLY A 457 19.74 -32.19 8.73
C GLY A 457 18.50 -31.31 8.76
N VAL A 458 17.34 -31.93 8.92
CA VAL A 458 16.09 -31.19 8.99
C VAL A 458 16.08 -30.37 10.28
N LEU A 459 15.43 -29.22 10.23
CA LEU A 459 15.33 -28.32 11.37
C LEU A 459 13.92 -27.83 11.56
N ASP A 460 13.35 -28.24 12.68
CA ASP A 460 12.01 -27.82 13.02
C ASP A 460 12.07 -26.94 14.28
N ILE A 461 11.99 -25.62 14.08
CA ILE A 461 12.02 -24.67 15.18
C ILE A 461 10.93 -23.64 14.99
N ALA A 462 10.45 -23.09 16.09
CA ALA A 462 9.39 -22.09 15.99
C ALA A 462 9.85 -20.82 15.29
N GLY A 463 9.08 -19.75 15.44
CA GLY A 463 9.44 -18.51 14.78
C GLY A 463 9.21 -17.20 15.51
N PHE A 464 9.65 -16.11 14.89
CA PHE A 464 9.51 -14.80 15.45
C PHE A 464 8.10 -14.61 15.97
N GLU A 465 7.96 -14.66 17.29
CA GLU A 465 6.66 -14.49 17.92
C GLU A 465 6.71 -13.18 18.69
N ILE A 466 5.70 -12.34 18.54
CA ILE A 466 5.74 -11.07 19.26
C ILE A 466 4.43 -10.82 20.00
N PHE A 467 4.32 -11.41 21.19
CA PHE A 467 3.11 -11.27 22.01
C PHE A 467 2.90 -9.87 22.55
N ASP A 468 1.76 -9.68 23.21
CA ASP A 468 1.42 -8.40 23.82
C ASP A 468 2.53 -8.10 24.82
N PHE A 469 2.90 -9.12 25.58
CA PHE A 469 3.95 -9.03 26.59
C PHE A 469 5.09 -9.97 26.20
N ASN A 470 6.32 -9.45 26.30
CA ASN A 470 7.49 -10.18 25.87
C ASN A 470 8.67 -10.11 26.79
N SER A 471 9.26 -11.25 27.09
CA SER A 471 10.41 -11.23 27.96
C SER A 471 11.57 -11.95 27.39
N PHE A 472 12.38 -12.38 28.35
CA PHE A 472 13.53 -13.15 28.08
C PHE A 472 13.11 -14.40 27.34
N GLU A 473 11.94 -14.93 27.67
CA GLU A 473 11.47 -16.10 26.96
C GLU A 473 11.53 -15.78 25.46
N GLN A 474 10.79 -14.75 25.07
CA GLN A 474 10.71 -14.30 23.69
C GLN A 474 12.00 -13.78 23.05
N LEU A 475 12.79 -13.01 23.78
CA LEU A 475 14.03 -12.49 23.20
C LEU A 475 14.82 -13.67 22.63
N CYS A 476 14.74 -14.81 23.31
CA CYS A 476 15.44 -16.01 22.85
C CYS A 476 14.89 -16.51 21.53
N ILE A 477 13.68 -17.08 21.60
CA ILE A 477 13.01 -17.61 20.42
C ILE A 477 13.30 -16.70 19.24
N ASN A 478 13.12 -15.40 19.43
CA ASN A 478 13.35 -14.43 18.38
C ASN A 478 14.80 -14.28 17.98
N TYR A 479 15.66 -13.93 18.93
CA TYR A 479 17.08 -13.79 18.62
C TYR A 479 17.48 -14.98 17.76
N THR A 480 17.06 -16.17 18.18
CA THR A 480 17.36 -17.39 17.44
C THR A 480 16.96 -17.18 15.99
N ASN A 481 15.73 -16.74 15.77
CA ASN A 481 15.26 -16.54 14.40
C ASN A 481 16.02 -15.48 13.65
N GLU A 482 16.49 -14.47 14.37
CA GLU A 482 17.23 -13.39 13.75
C GLU A 482 18.39 -13.96 12.96
N ARG A 483 19.12 -14.89 13.58
CA ARG A 483 20.26 -15.49 12.92
C ARG A 483 19.80 -16.35 11.78
N LEU A 484 18.62 -16.95 11.91
CA LEU A 484 18.11 -17.81 10.86
C LEU A 484 17.64 -16.96 9.69
N GLN A 485 17.14 -15.77 10.01
CA GLN A 485 16.64 -14.85 8.98
C GLN A 485 17.79 -14.27 8.17
N GLN A 486 19.01 -14.53 8.61
CA GLN A 486 20.19 -14.02 7.92
C GLN A 486 20.72 -15.13 7.05
N PHE A 487 20.37 -16.36 7.42
CA PHE A 487 20.81 -17.51 6.65
C PHE A 487 20.01 -17.55 5.39
N PHE A 488 18.71 -17.33 5.55
CA PHE A 488 17.85 -17.34 4.40
C PHE A 488 18.26 -16.20 3.48
N ASN A 489 18.41 -15.02 4.07
CA ASN A 489 18.81 -13.85 3.30
C ASN A 489 20.17 -13.95 2.66
N HIS A 490 21.09 -14.64 3.32
CA HIS A 490 22.38 -14.79 2.73
C HIS A 490 22.11 -15.62 1.48
N HIS A 491 21.44 -16.74 1.66
CA HIS A 491 21.12 -17.58 0.51
C HIS A 491 20.23 -16.99 -0.54
N MET A 492 19.46 -15.98 -0.21
CA MET A 492 18.63 -15.40 -1.24
C MET A 492 19.43 -14.38 -2.03
N PHE A 493 20.33 -13.67 -1.35
CA PHE A 493 21.14 -12.69 -2.06
C PHE A 493 22.01 -13.45 -3.06
N ILE A 494 22.16 -14.74 -2.84
CA ILE A 494 22.99 -15.57 -3.72
C ILE A 494 22.35 -15.82 -5.09
N LEU A 495 21.06 -16.16 -5.10
CA LEU A 495 20.36 -16.39 -6.36
C LEU A 495 20.17 -15.04 -7.00
N GLU A 496 20.22 -14.01 -6.16
CA GLU A 496 20.09 -12.64 -6.61
C GLU A 496 21.20 -12.46 -7.63
N GLN A 497 22.42 -12.72 -7.18
CA GLN A 497 23.58 -12.59 -8.04
C GLN A 497 23.41 -13.47 -9.28
N GLU A 498 22.55 -14.49 -9.17
CA GLU A 498 22.29 -15.41 -10.27
C GLU A 498 21.18 -14.96 -11.21
N GLU A 499 20.61 -13.80 -10.93
CA GLU A 499 19.58 -13.28 -11.81
C GLU A 499 20.27 -12.06 -12.41
N TYR A 500 21.22 -11.55 -11.64
CA TYR A 500 22.03 -10.39 -12.01
C TYR A 500 22.99 -10.66 -13.16
N LYS A 501 23.23 -11.92 -13.48
CA LYS A 501 24.19 -12.25 -14.54
C LYS A 501 23.58 -12.97 -15.79
N LYS A 502 22.46 -13.68 -15.62
CA LYS A 502 21.80 -14.40 -16.74
C LYS A 502 21.24 -13.43 -17.78
N GLU A 503 20.74 -12.35 -17.20
CA GLU A 503 20.17 -11.21 -17.89
C GLU A 503 21.12 -10.14 -17.56
N GLY A 504 22.31 -10.71 -17.75
CA GLY A 504 23.65 -10.23 -17.62
C GLY A 504 23.96 -8.89 -17.04
N ILE A 505 23.83 -8.74 -15.73
CA ILE A 505 24.36 -7.53 -15.16
C ILE A 505 25.14 -7.80 -13.86
N ALA A 506 26.26 -7.10 -13.69
CA ALA A 506 27.03 -7.15 -12.44
C ALA A 506 26.47 -5.85 -11.90
N TRP A 507 26.12 -5.79 -10.64
CA TRP A 507 25.44 -4.59 -10.28
C TRP A 507 25.80 -4.21 -8.85
N GLU A 508 26.92 -4.76 -8.46
CA GLU A 508 27.47 -4.61 -7.12
C GLU A 508 27.73 -3.27 -6.53
N PHE A 509 26.66 -2.80 -5.89
CA PHE A 509 26.61 -1.62 -5.06
C PHE A 509 26.07 -2.28 -3.76
N ILE A 510 26.55 -3.51 -3.54
CA ILE A 510 26.23 -4.34 -2.35
C ILE A 510 26.52 -3.39 -1.24
N ASP A 511 25.78 -3.31 -0.17
CA ASP A 511 26.41 -2.35 0.74
C ASP A 511 25.81 -2.71 2.06
N PHE A 512 24.83 -3.51 1.76
CA PHE A 512 23.84 -4.10 2.58
C PHE A 512 24.04 -5.31 3.45
N GLY A 513 23.02 -5.42 4.28
CA GLY A 513 22.87 -6.50 5.24
C GLY A 513 23.16 -6.06 6.65
N MET A 514 23.92 -4.97 6.76
CA MET A 514 24.32 -4.42 8.05
C MET A 514 23.16 -4.33 9.04
N ASP A 515 22.04 -3.78 8.61
CA ASP A 515 20.89 -3.63 9.50
C ASP A 515 20.42 -4.92 10.16
N LEU A 516 20.76 -6.07 9.58
CA LEU A 516 20.35 -7.34 10.16
C LEU A 516 21.38 -7.81 11.18
N GLN A 517 22.63 -7.41 10.97
CA GLN A 517 23.70 -7.78 11.89
C GLN A 517 23.57 -6.83 13.07
N MET A 518 23.03 -5.64 12.77
CA MET A 518 22.82 -4.58 13.76
C MET A 518 22.11 -5.14 14.99
N CYS A 519 20.96 -5.75 14.76
CA CYS A 519 20.18 -6.33 15.82
C CYS A 519 20.90 -7.60 16.29
N ILE A 520 21.55 -8.28 15.34
CA ILE A 520 22.29 -9.48 15.65
C ILE A 520 23.44 -9.23 16.62
N ASP A 521 24.25 -8.20 16.37
CA ASP A 521 25.38 -7.86 17.23
C ASP A 521 24.87 -7.44 18.59
N LEU A 522 23.96 -6.48 18.57
CA LEU A 522 23.34 -5.97 19.77
C LEU A 522 22.73 -7.10 20.57
N ILE A 523 22.73 -8.31 20.03
CA ILE A 523 22.14 -9.40 20.76
C ILE A 523 23.07 -10.56 21.06
N GLU A 524 24.23 -10.62 20.43
CA GLU A 524 25.09 -11.75 20.78
C GLU A 524 26.56 -11.39 20.98
N LYS A 525 27.03 -10.36 20.28
CA LYS A 525 28.43 -9.99 20.43
C LYS A 525 28.66 -9.61 21.91
N PRO A 526 29.91 -9.63 22.37
CA PRO A 526 30.33 -9.31 23.74
C PRO A 526 29.51 -8.30 24.51
N MET A 527 29.61 -7.07 24.06
CA MET A 527 28.95 -5.97 24.73
C MET A 527 27.44 -5.89 24.63
N GLY A 528 26.84 -6.86 23.96
CA GLY A 528 25.40 -6.87 23.80
C GLY A 528 24.67 -7.38 25.03
N ILE A 529 23.40 -7.02 25.19
CA ILE A 529 22.59 -7.46 26.33
C ILE A 529 22.75 -8.92 26.62
N LEU A 530 23.37 -9.65 25.70
CA LEU A 530 23.50 -11.08 25.92
C LEU A 530 24.72 -11.58 26.66
N SER A 531 25.64 -10.69 26.96
CA SER A 531 26.83 -11.08 27.71
C SER A 531 26.72 -10.31 29.01
N ILE A 532 25.89 -9.27 28.98
CA ILE A 532 25.64 -8.45 30.16
C ILE A 532 24.81 -9.30 31.11
N LEU A 533 23.63 -9.73 30.65
CA LEU A 533 22.76 -10.56 31.49
C LEU A 533 23.49 -11.83 31.87
N GLU A 534 24.70 -11.98 31.36
CA GLU A 534 25.50 -13.17 31.66
C GLU A 534 26.66 -12.90 32.62
N GLU A 535 27.20 -11.68 32.61
CA GLU A 535 28.31 -11.34 33.50
C GLU A 535 27.69 -10.57 34.66
N GLU A 536 26.49 -10.07 34.42
CA GLU A 536 25.74 -9.29 35.40
C GLU A 536 24.91 -10.28 36.21
N CYS A 537 25.32 -11.54 36.14
CA CYS A 537 24.67 -12.63 36.86
C CYS A 537 25.76 -13.31 37.66
N MET A 538 26.99 -12.92 37.33
CA MET A 538 28.20 -13.39 37.99
C MET A 538 28.31 -12.39 39.14
N PHE A 539 28.32 -11.10 38.78
CA PHE A 539 28.33 -10.03 39.78
C PHE A 539 27.22 -10.41 40.75
N PRO A 540 27.56 -10.60 42.04
CA PRO A 540 26.68 -10.98 43.15
C PRO A 540 25.64 -9.99 43.68
N LYS A 541 25.19 -9.04 42.87
CA LYS A 541 24.16 -8.10 43.32
C LYS A 541 22.87 -8.73 42.82
N ALA A 542 22.91 -9.14 41.56
CA ALA A 542 21.78 -9.78 40.89
C ALA A 542 20.42 -9.10 41.11
N ASP A 543 20.34 -7.77 41.00
CA ASP A 543 19.04 -7.12 41.18
C ASP A 543 18.68 -6.45 39.86
N ASP A 544 17.39 -6.50 39.55
CA ASP A 544 16.85 -6.02 38.29
C ASP A 544 17.07 -4.62 37.70
N LYS A 545 17.79 -3.74 38.40
CA LYS A 545 18.10 -2.43 37.85
C LYS A 545 19.61 -2.54 37.66
N SER A 546 20.21 -3.44 38.43
CA SER A 546 21.64 -3.70 38.36
C SER A 546 21.88 -4.18 36.92
N PHE A 547 20.80 -4.63 36.28
CA PHE A 547 20.84 -5.09 34.89
C PHE A 547 19.94 -4.23 33.98
N GLN A 548 18.73 -3.93 34.44
CA GLN A 548 17.78 -3.10 33.68
C GLN A 548 18.38 -1.70 33.44
N ASP A 549 19.62 -1.52 33.89
CA ASP A 549 20.37 -0.26 33.75
C ASP A 549 21.66 -0.53 32.99
N LYS A 550 22.42 -1.52 33.46
CA LYS A 550 23.68 -1.88 32.83
C LYS A 550 23.55 -1.82 31.32
N LEU A 551 22.38 -2.22 30.82
CA LEU A 551 22.14 -2.20 29.39
C LEU A 551 22.04 -0.74 28.97
N TYR A 552 21.02 -0.07 29.50
CA TYR A 552 20.78 1.34 29.21
C TYR A 552 22.09 2.10 29.07
N GLN A 553 22.77 2.26 30.19
CA GLN A 553 24.05 2.95 30.26
C GLN A 553 25.04 2.40 29.23
N ASN A 554 24.70 1.29 28.58
CA ASN A 554 25.59 0.72 27.57
C ASN A 554 25.02 0.73 26.14
N HIS A 555 23.70 0.75 26.02
CA HIS A 555 23.05 0.77 24.70
C HIS A 555 21.85 1.70 24.60
N MET A 556 21.50 2.37 25.70
CA MET A 556 20.35 3.28 25.65
C MET A 556 20.73 4.57 24.94
N GLY A 557 20.16 4.79 23.76
CA GLY A 557 20.48 5.98 23.01
C GLY A 557 21.66 5.71 22.10
N LYS A 558 22.38 4.63 22.37
CA LYS A 558 23.54 4.27 21.56
C LYS A 558 23.21 3.19 20.52
N ASN A 559 22.07 3.31 19.85
CA ASN A 559 21.66 2.36 18.82
C ASN A 559 20.41 2.73 18.01
N ARG A 560 20.31 2.13 16.84
CA ARG A 560 19.21 2.34 15.89
C ARG A 560 18.06 1.38 16.21
N MET A 561 18.41 0.17 16.63
CA MET A 561 17.44 -0.88 16.98
C MET A 561 16.95 -0.69 18.42
N PHE A 562 17.89 -0.68 19.36
CA PHE A 562 17.56 -0.49 20.77
C PHE A 562 16.98 0.90 20.93
N THR A 563 15.85 0.99 21.61
CA THR A 563 15.18 2.26 21.83
C THR A 563 14.21 2.11 22.97
N LYS A 564 13.83 3.23 23.58
CA LYS A 564 12.87 3.19 24.68
C LYS A 564 11.54 2.72 24.08
N PRO A 565 10.70 2.03 24.87
CA PRO A 565 9.41 1.52 24.38
C PRO A 565 8.58 2.54 23.61
N GLY A 566 7.63 2.05 22.82
CA GLY A 566 6.79 2.93 22.05
C GLY A 566 5.53 3.30 22.80
N LYS A 567 4.44 3.47 22.07
CA LYS A 567 3.16 3.83 22.67
C LYS A 567 2.00 3.27 21.85
N ARG A 570 0.54 -0.97 21.55
CA ARG A 570 -0.55 -0.01 21.40
C ARG A 570 -1.91 -0.70 21.63
N PRO A 571 -2.10 -1.91 21.06
CA PRO A 571 -3.34 -2.67 21.22
C PRO A 571 -3.74 -3.05 22.67
N ASN A 572 -3.16 -4.11 23.23
CA ASN A 572 -3.44 -4.57 24.60
C ASN A 572 -2.14 -5.12 25.20
N GLN A 573 -1.03 -4.49 24.82
CA GLN A 573 0.33 -4.88 25.25
C GLN A 573 0.66 -4.59 26.71
N GLY A 574 1.42 -5.49 27.33
CA GLY A 574 1.84 -5.31 28.72
C GLY A 574 3.06 -4.40 28.78
N PRO A 575 3.66 -4.20 29.96
CA PRO A 575 4.84 -3.35 30.22
C PRO A 575 6.11 -3.86 29.52
N ALA A 576 6.83 -2.95 28.87
CA ALA A 576 8.05 -3.34 28.16
C ALA A 576 9.19 -2.34 28.31
N HIS A 577 10.35 -2.84 28.73
CA HIS A 577 11.53 -2.03 28.95
C HIS A 577 12.36 -1.62 27.73
N PHE A 578 13.27 -2.45 27.23
CA PHE A 578 14.00 -2.01 26.05
C PHE A 578 13.17 -2.48 24.85
N GLU A 579 13.47 -2.00 23.64
CA GLU A 579 12.68 -2.41 22.46
C GLU A 579 13.62 -2.76 21.29
N LEU A 580 13.51 -3.98 20.77
CA LEU A 580 14.37 -4.38 19.66
C LEU A 580 13.81 -4.18 18.27
N HIS A 581 14.73 -3.97 17.33
CA HIS A 581 14.39 -3.79 15.94
C HIS A 581 14.77 -5.08 15.25
N HIS A 582 13.87 -6.05 15.37
CA HIS A 582 14.04 -7.36 14.79
C HIS A 582 13.70 -7.28 13.32
N TYR A 583 14.15 -8.27 12.56
CA TYR A 583 13.85 -8.27 11.14
C TYR A 583 12.35 -8.10 10.96
N ALA A 584 11.58 -8.90 11.68
CA ALA A 584 10.13 -8.83 11.57
C ALA A 584 9.64 -7.51 12.13
N GLY A 585 10.50 -6.86 12.90
CA GLY A 585 10.11 -5.59 13.47
C GLY A 585 10.45 -5.33 14.93
N ASN A 586 10.07 -4.13 15.38
CA ASN A 586 10.32 -3.66 16.73
C ASN A 586 9.43 -4.40 17.74
N VAL A 587 10.07 -4.84 18.82
CA VAL A 587 9.43 -5.62 19.87
C VAL A 587 9.78 -5.09 21.27
N PRO A 588 8.78 -4.90 22.15
CA PRO A 588 9.05 -4.40 23.50
C PRO A 588 9.39 -5.56 24.46
N TYR A 589 10.43 -5.39 25.28
CA TYR A 589 10.88 -6.43 26.20
C TYR A 589 10.95 -6.03 27.67
N SER A 590 10.52 -6.91 28.57
CA SER A 590 10.55 -6.63 30.00
C SER A 590 11.64 -7.41 30.75
N ILE A 591 12.59 -6.69 31.33
CA ILE A 591 13.72 -7.28 32.06
C ILE A 591 13.40 -7.78 33.47
N THR A 592 12.14 -7.63 33.88
CA THR A 592 11.72 -8.05 35.21
C THR A 592 12.05 -9.52 35.50
N GLY A 593 12.95 -9.74 36.46
CA GLY A 593 13.32 -11.10 36.83
C GLY A 593 14.00 -11.92 35.75
N TRP A 594 14.98 -11.33 35.06
CA TRP A 594 15.69 -12.04 34.00
C TRP A 594 16.83 -12.80 34.61
N LEU A 595 17.53 -12.16 35.54
CA LEU A 595 18.61 -12.84 36.21
C LEU A 595 18.17 -14.25 36.57
N GLU A 596 17.15 -14.33 37.42
CA GLU A 596 16.63 -15.63 37.84
C GLU A 596 16.35 -16.51 36.62
N LYS A 597 15.44 -16.04 35.76
CA LYS A 597 15.07 -16.77 34.53
C LYS A 597 16.28 -17.23 33.73
N ASN A 598 17.44 -16.62 34.00
CA ASN A 598 18.61 -16.95 33.25
C ASN A 598 19.49 -18.03 33.87
N LYS A 599 19.65 -18.01 35.18
CA LYS A 599 20.47 -19.03 35.83
C LYS A 599 19.52 -20.11 36.31
N ASP A 600 19.92 -20.85 37.33
CA ASP A 600 19.04 -21.87 37.88
C ASP A 600 19.11 -21.79 39.39
N PRO A 601 18.14 -21.05 39.97
CA PRO A 601 17.85 -20.71 41.36
C PRO A 601 17.24 -21.81 42.22
N ILE A 602 17.76 -23.02 42.10
CA ILE A 602 17.23 -24.10 42.92
C ILE A 602 18.02 -24.08 44.21
N ASN A 603 17.43 -24.65 45.26
CA ASN A 603 18.08 -24.70 46.56
C ASN A 603 19.32 -25.56 46.42
N GLU A 604 20.44 -24.91 46.12
CA GLU A 604 21.73 -25.57 45.96
C GLU A 604 21.89 -26.61 47.06
N ASN A 605 21.10 -26.43 48.11
CA ASN A 605 21.02 -27.25 49.31
C ASN A 605 20.49 -28.63 48.94
N VAL A 606 19.35 -28.62 48.25
CA VAL A 606 18.67 -29.83 47.82
C VAL A 606 19.46 -30.53 46.73
N VAL A 607 20.06 -29.74 45.86
CA VAL A 607 20.87 -30.27 44.77
C VAL A 607 21.72 -31.43 45.27
N ALA A 608 22.74 -31.08 46.05
CA ALA A 608 23.66 -32.04 46.62
C ALA A 608 22.91 -33.11 47.38
N LEU A 609 21.75 -32.76 47.92
CA LEU A 609 20.98 -33.73 48.65
C LEU A 609 20.59 -34.76 47.60
N LEU A 610 20.20 -34.26 46.44
CA LEU A 610 19.81 -35.10 45.31
C LEU A 610 21.09 -35.67 44.72
N GLY A 611 22.02 -34.77 44.38
CA GLY A 611 23.30 -35.16 43.80
C GLY A 611 23.81 -36.47 44.33
N ALA A 612 23.61 -36.67 45.63
CA ALA A 612 24.00 -37.89 46.29
C ALA A 612 22.69 -38.63 46.55
N SER A 613 22.33 -39.51 45.62
CA SER A 613 21.08 -40.24 45.76
C SER A 613 21.22 -41.69 45.36
N LYS A 614 20.23 -42.47 45.76
CA LYS A 614 20.19 -43.90 45.48
C LYS A 614 19.47 -44.19 44.16
N GLU A 615 19.27 -43.15 43.35
CA GLU A 615 18.62 -43.30 42.04
C GLU A 615 19.66 -42.96 40.97
N PRO A 616 19.91 -43.90 40.04
CA PRO A 616 20.89 -43.75 38.96
C PRO A 616 20.68 -42.52 38.07
N LEU A 617 19.44 -42.09 37.98
CA LEU A 617 19.07 -40.95 37.18
C LEU A 617 19.30 -39.63 37.95
N VAL A 618 18.52 -39.42 39.02
CA VAL A 618 18.64 -38.21 39.84
C VAL A 618 20.08 -37.87 40.09
N ALA A 619 20.83 -38.88 40.53
CA ALA A 619 22.24 -38.69 40.79
C ALA A 619 22.89 -38.15 39.51
N GLU A 620 22.70 -38.88 38.40
CA GLU A 620 23.26 -38.45 37.13
C GLU A 620 22.79 -37.04 36.83
N LEU A 621 21.47 -36.86 36.89
CA LEU A 621 20.87 -35.55 36.63
C LEU A 621 21.54 -34.40 37.39
N PHE A 622 22.18 -34.72 38.51
CA PHE A 622 22.84 -33.70 39.33
C PHE A 622 24.29 -34.12 39.63
N LYS A 623 25.01 -34.51 38.57
CA LYS A 623 26.40 -34.97 38.67
C LYS A 623 27.37 -33.99 39.33
N ALA A 624 28.66 -34.33 39.30
CA ALA A 624 29.73 -33.52 39.88
C ALA A 624 29.97 -32.28 39.04
N PHE A 642 31.00 -22.43 31.18
CA PHE A 642 29.77 -21.96 31.83
C PHE A 642 28.49 -22.61 31.35
N GLN A 643 27.40 -22.26 32.03
CA GLN A 643 26.08 -22.77 31.72
C GLN A 643 24.95 -22.03 32.42
N THR A 644 24.51 -20.95 31.79
CA THR A 644 23.39 -20.16 32.26
C THR A 644 22.44 -20.59 31.17
N ILE A 645 21.20 -20.16 31.16
CA ILE A 645 20.36 -20.62 30.06
C ILE A 645 20.87 -20.07 28.74
N SER A 646 21.75 -19.08 28.78
CA SER A 646 22.16 -18.49 27.51
C SER A 646 23.57 -18.52 27.01
N ALA A 647 24.55 -18.84 27.84
CA ALA A 647 25.89 -18.90 27.26
C ALA A 647 25.86 -20.31 26.72
N VAL A 648 24.79 -21.00 27.12
CA VAL A 648 24.51 -22.37 26.76
C VAL A 648 23.75 -22.38 25.45
N HIS A 649 23.09 -21.26 25.20
CA HIS A 649 22.33 -21.10 23.98
C HIS A 649 23.28 -20.46 23.02
N ARG A 650 24.09 -19.54 23.53
CA ARG A 650 25.07 -18.86 22.73
C ARG A 650 25.78 -19.89 21.83
N GLU A 651 26.13 -21.03 22.42
CA GLU A 651 26.82 -22.10 21.72
C GLU A 651 25.86 -23.00 20.99
N SER A 652 24.79 -23.41 21.66
CA SER A 652 23.79 -24.26 21.04
C SER A 652 23.47 -23.68 19.68
N LEU A 653 23.38 -22.36 19.62
CA LEU A 653 23.06 -21.65 18.38
C LEU A 653 24.30 -21.37 17.52
N ASN A 654 25.40 -20.92 18.12
CA ASN A 654 26.60 -20.65 17.32
C ASN A 654 26.91 -21.91 16.54
N LYS A 655 26.71 -23.04 17.22
CA LYS A 655 26.94 -24.36 16.66
C LYS A 655 25.97 -24.59 15.50
N LEU A 656 24.67 -24.61 15.80
CA LEU A 656 23.65 -24.82 14.77
C LEU A 656 24.00 -24.12 13.46
N MET A 657 24.19 -22.80 13.52
CA MET A 657 24.52 -22.05 12.32
C MET A 657 25.69 -22.67 11.58
N LYS A 658 26.84 -22.76 12.23
CA LYS A 658 28.03 -23.35 11.60
C LYS A 658 27.70 -24.63 10.82
N ASN A 659 26.64 -25.34 11.22
CA ASN A 659 26.25 -26.54 10.51
C ASN A 659 25.54 -26.12 9.25
N LEU A 660 24.42 -25.43 9.44
CA LEU A 660 23.62 -24.97 8.32
C LEU A 660 24.42 -24.30 7.21
N TYR A 661 25.45 -23.55 7.59
CA TYR A 661 26.27 -22.82 6.61
C TYR A 661 27.24 -23.72 5.89
N SER A 662 27.12 -25.01 6.16
CA SER A 662 27.94 -26.04 5.55
C SER A 662 27.00 -26.86 4.68
N THR A 663 25.77 -26.41 4.59
CA THR A 663 24.76 -27.10 3.79
C THR A 663 24.31 -26.23 2.62
N HIS A 664 23.49 -26.85 1.78
CA HIS A 664 22.89 -26.24 0.60
C HIS A 664 21.45 -26.44 1.08
N PRO A 665 20.84 -25.37 1.61
CA PRO A 665 19.49 -25.34 2.16
C PRO A 665 18.33 -25.59 1.25
N HIS A 666 17.24 -25.97 1.89
CA HIS A 666 15.99 -26.23 1.20
C HIS A 666 14.89 -25.74 2.14
N PHE A 667 14.05 -24.83 1.66
CA PHE A 667 13.01 -24.28 2.50
C PHE A 667 11.63 -24.87 2.19
N VAL A 668 10.82 -25.09 3.22
CA VAL A 668 9.46 -25.62 3.11
C VAL A 668 8.66 -24.63 3.93
N ARG A 669 7.76 -23.90 3.29
CA ARG A 669 6.99 -22.95 4.07
C ARG A 669 5.61 -23.46 4.43
N CYS A 670 5.42 -23.85 5.68
CA CYS A 670 4.10 -24.32 6.12
C CYS A 670 3.17 -23.14 6.34
N ILE A 671 1.92 -23.26 5.88
CA ILE A 671 0.95 -22.20 6.09
C ILE A 671 -0.30 -22.72 6.77
N ILE A 672 -0.74 -22.00 7.79
CA ILE A 672 -1.93 -22.42 8.52
C ILE A 672 -3.13 -21.83 7.80
N PRO A 673 -4.09 -22.68 7.42
CA PRO A 673 -5.28 -22.22 6.72
C PRO A 673 -6.33 -21.47 7.54
N ASN A 674 -6.64 -21.96 8.74
CA ASN A 674 -7.65 -21.32 9.59
C ASN A 674 -7.54 -21.58 11.09
N GLU A 675 -8.21 -20.76 11.90
CA GLU A 675 -8.19 -20.97 13.35
C GLU A 675 -9.00 -22.22 13.74
N LEU A 676 -10.27 -22.28 13.33
CA LEU A 676 -11.19 -23.37 13.61
C LEU A 676 -10.59 -24.76 13.45
N LYS A 677 -9.59 -24.89 12.58
CA LYS A 677 -8.91 -26.16 12.39
C LYS A 677 -9.59 -27.21 11.55
N GLN A 678 -10.68 -26.87 10.88
CA GLN A 678 -11.31 -27.88 10.05
C GLN A 678 -10.53 -27.96 8.75
N PRO A 679 -10.40 -29.17 8.19
CA PRO A 679 -9.65 -29.31 6.95
C PRO A 679 -10.40 -28.71 5.77
N GLY A 680 -9.64 -28.25 4.80
CA GLY A 680 -10.21 -27.65 3.62
C GLY A 680 -10.97 -26.35 3.79
N LEU A 681 -10.38 -25.39 4.50
CA LEU A 681 -11.03 -24.10 4.68
C LEU A 681 -9.99 -23.01 4.61
N VAL A 682 -10.37 -21.83 4.16
CA VAL A 682 -9.40 -20.76 4.11
C VAL A 682 -9.82 -19.43 4.68
N ASP A 683 -9.08 -19.04 5.72
CA ASP A 683 -9.26 -17.82 6.44
C ASP A 683 -8.63 -16.77 5.56
N ALA A 684 -9.44 -16.18 4.70
CA ALA A 684 -8.98 -15.15 3.80
C ALA A 684 -7.69 -14.46 4.25
N GLU A 685 -7.82 -13.55 5.22
CA GLU A 685 -6.70 -12.77 5.73
C GLU A 685 -5.54 -13.63 6.21
N LEU A 686 -5.82 -14.46 7.21
CA LEU A 686 -4.81 -15.33 7.78
C LEU A 686 -3.74 -15.79 6.80
N VAL A 687 -4.17 -16.26 5.65
CA VAL A 687 -3.24 -16.75 4.64
C VAL A 687 -2.44 -15.63 4.06
N LEU A 688 -3.15 -14.65 3.50
CA LEU A 688 -2.47 -13.52 2.92
C LEU A 688 -1.37 -13.08 3.87
N HIS A 689 -1.72 -12.97 5.15
CA HIS A 689 -0.77 -12.55 6.16
C HIS A 689 0.51 -13.33 6.11
N GLN A 690 0.35 -14.64 6.07
CA GLN A 690 1.52 -15.46 6.04
C GLN A 690 2.25 -15.27 4.73
N LEU A 691 1.51 -15.27 3.63
CA LEU A 691 2.15 -15.09 2.34
C LEU A 691 2.98 -13.80 2.20
N GLN A 692 2.89 -12.91 3.19
CA GLN A 692 3.62 -11.63 3.16
C GLN A 692 4.89 -11.66 3.99
N CYS A 693 5.13 -12.77 4.62
CA CYS A 693 6.24 -12.87 5.53
C CYS A 693 7.20 -13.98 5.17
N ASN A 694 7.04 -14.55 4.01
CA ASN A 694 8.02 -15.59 3.62
C ASN A 694 8.69 -15.42 2.23
N GLY A 695 7.91 -15.72 1.23
CA GLY A 695 8.34 -15.76 -0.16
C GLY A 695 7.10 -15.78 -1.02
N VAL A 696 6.93 -14.57 -1.45
CA VAL A 696 5.92 -14.10 -2.37
C VAL A 696 6.63 -13.13 -3.35
N LEU A 697 7.81 -12.66 -2.91
CA LEU A 697 8.68 -11.73 -3.68
C LEU A 697 7.96 -10.41 -3.96
N ARG A 704 12.91 -7.31 -2.76
CA ARG A 704 12.27 -7.34 -1.44
C ARG A 704 12.97 -6.40 -0.48
N LYS A 705 13.62 -6.98 0.53
CA LYS A 705 14.36 -6.19 1.51
C LYS A 705 15.50 -5.43 0.84
N GLY A 706 15.30 -4.13 0.62
CA GLY A 706 16.31 -3.31 -0.01
C GLY A 706 17.09 -3.79 -1.24
N PHE A 707 16.47 -4.55 -2.14
CA PHE A 707 17.16 -4.99 -3.37
C PHE A 707 16.60 -4.15 -4.52
N PRO A 708 17.30 -4.13 -5.67
CA PRO A 708 16.80 -3.35 -6.80
C PRO A 708 15.65 -4.06 -7.54
N SER A 709 14.57 -3.32 -7.77
CA SER A 709 13.39 -3.85 -8.45
C SER A 709 13.63 -3.93 -9.96
N ARG A 710 12.73 -4.63 -10.65
CA ARG A 710 12.84 -4.81 -12.11
C ARG A 710 11.51 -4.71 -12.87
N LEU A 711 11.58 -4.66 -14.20
CA LEU A 711 10.40 -4.58 -15.07
C LEU A 711 10.76 -5.06 -16.47
N ILE A 712 9.98 -5.99 -17.02
CA ILE A 712 10.26 -6.47 -18.37
C ILE A 712 10.33 -5.19 -19.20
N TYR A 713 11.36 -5.04 -20.01
CA TYR A 713 11.48 -3.83 -20.82
C TYR A 713 10.16 -3.38 -21.45
N SER A 714 9.31 -4.34 -21.80
CA SER A 714 8.02 -4.05 -22.41
C SER A 714 7.24 -3.12 -21.47
N GLU A 715 6.78 -3.69 -20.37
CA GLU A 715 6.02 -2.94 -19.38
C GLU A 715 6.64 -1.62 -18.92
N PHE A 716 7.95 -1.42 -19.14
CA PHE A 716 8.55 -0.16 -18.70
C PHE A 716 8.17 0.94 -19.67
N LYS A 717 7.87 0.52 -20.88
CA LYS A 717 7.47 1.43 -21.93
C LYS A 717 6.00 1.77 -21.73
N GLN A 718 5.19 0.73 -21.55
CA GLN A 718 3.76 0.84 -21.35
C GLN A 718 3.39 1.50 -20.02
N ARG A 719 4.38 2.09 -19.36
CA ARG A 719 4.13 2.73 -18.06
C ARG A 719 4.85 4.05 -17.92
N TYR A 720 6.13 4.06 -18.28
CA TYR A 720 6.90 5.27 -18.14
C TYR A 720 7.31 5.97 -19.42
N SER A 721 6.57 5.75 -20.50
CA SER A 721 6.92 6.43 -21.73
C SER A 721 6.47 7.88 -21.68
N ILE A 722 5.26 8.09 -21.16
CA ILE A 722 4.73 9.44 -21.04
C ILE A 722 5.77 10.35 -20.37
N LEU A 723 6.79 9.76 -19.76
CA LEU A 723 7.79 10.55 -19.06
C LEU A 723 8.81 11.20 -19.97
N ALA A 724 9.24 10.50 -21.01
CA ALA A 724 10.16 11.09 -21.98
C ALA A 724 9.43 10.83 -23.28
N PRO A 725 8.55 11.75 -23.68
CA PRO A 725 7.71 11.68 -24.88
C PRO A 725 8.15 11.59 -26.40
N ASN A 726 9.43 11.49 -26.79
CA ASN A 726 9.75 11.37 -28.24
C ASN A 726 10.21 9.93 -28.54
N ALA A 727 9.35 9.10 -29.13
CA ALA A 727 9.72 7.71 -29.35
C ALA A 727 9.43 7.13 -30.73
N ILE A 728 8.17 6.91 -31.06
CA ILE A 728 7.89 6.42 -32.40
C ILE A 728 7.72 7.72 -33.18
N ASP A 734 10.41 -0.59 -30.07
CA ASP A 734 10.80 -1.99 -30.21
C ASP A 734 10.91 -2.61 -28.83
N GLY A 735 9.76 -2.78 -28.17
CA GLY A 735 9.79 -3.35 -26.84
C GLY A 735 10.86 -2.71 -25.97
N LYS A 736 12.04 -3.34 -25.97
CA LYS A 736 13.22 -2.94 -25.19
C LYS A 736 14.05 -1.68 -25.53
N THR A 737 13.91 -1.13 -26.73
CA THR A 737 14.69 0.05 -27.06
C THR A 737 13.92 1.32 -26.69
N VAL A 738 12.59 1.19 -26.69
CA VAL A 738 11.69 2.28 -26.31
C VAL A 738 12.10 2.75 -24.91
N SER A 739 12.15 1.83 -23.96
CA SER A 739 12.55 2.10 -22.58
C SER A 739 14.01 2.52 -22.60
N GLU A 740 14.79 1.77 -23.37
CA GLU A 740 16.21 1.99 -23.55
C GLU A 740 16.54 3.47 -23.79
N LYS A 741 15.56 4.19 -24.31
CA LYS A 741 15.71 5.62 -24.63
C LYS A 741 15.32 6.53 -23.49
N ILE A 742 14.02 6.53 -23.19
CA ILE A 742 13.41 7.33 -22.14
C ILE A 742 14.40 7.79 -21.06
N LEU A 743 14.97 6.85 -20.31
CA LEU A 743 15.93 7.17 -19.24
C LEU A 743 17.03 8.08 -19.71
N ALA A 744 17.70 7.66 -20.78
CA ALA A 744 18.79 8.44 -21.36
C ALA A 744 18.38 9.91 -21.44
N GLY A 745 17.25 10.14 -22.08
CA GLY A 745 16.74 11.50 -22.23
C GLY A 745 16.25 12.07 -20.91
N LEU A 746 15.78 11.19 -20.05
CA LEU A 746 15.28 11.59 -18.74
C LEU A 746 16.47 11.97 -17.85
N GLN A 747 17.65 12.04 -18.49
CA GLN A 747 18.92 12.37 -17.82
C GLN A 747 19.23 11.41 -16.67
N MET A 748 18.81 10.14 -16.79
CA MET A 748 19.04 9.17 -15.73
C MET A 748 20.51 8.93 -15.35
N ASP A 749 20.82 9.06 -14.06
CA ASP A 749 22.18 8.82 -13.59
C ASP A 749 22.43 7.33 -13.85
N PRO A 750 23.45 7.01 -14.64
CA PRO A 750 23.77 5.61 -14.96
C PRO A 750 24.00 4.52 -13.91
N ALA A 751 24.24 4.88 -12.64
CA ALA A 751 24.46 3.87 -11.61
C ALA A 751 23.15 3.44 -10.99
N GLU A 752 22.16 4.31 -11.10
CA GLU A 752 20.86 4.00 -10.53
C GLU A 752 20.25 2.79 -11.24
N TYR A 753 20.84 2.36 -12.36
CA TYR A 753 20.28 1.21 -13.06
C TYR A 753 21.24 0.44 -13.95
N ARG A 754 20.78 -0.72 -14.40
CA ARG A 754 21.53 -1.58 -15.27
C ARG A 754 20.50 -2.16 -16.22
N LEU A 755 20.88 -2.29 -17.49
CA LEU A 755 19.95 -2.77 -18.50
C LEU A 755 20.14 -4.20 -18.99
N GLY A 756 19.84 -5.14 -18.11
CA GLY A 756 19.93 -6.54 -18.47
C GLY A 756 18.95 -6.77 -19.59
N THR A 757 19.06 -7.92 -20.24
CA THR A 757 18.21 -8.21 -21.38
C THR A 757 16.74 -8.55 -21.23
N THR A 758 16.27 -8.90 -20.04
CA THR A 758 14.83 -9.21 -20.00
C THR A 758 14.08 -8.06 -19.37
N LYS A 759 14.70 -7.45 -18.38
CA LYS A 759 14.10 -6.34 -17.66
C LYS A 759 15.12 -5.28 -17.26
N VAL A 760 14.60 -4.22 -16.66
CA VAL A 760 15.41 -3.11 -16.19
C VAL A 760 15.45 -3.18 -14.67
N PHE A 761 16.64 -3.01 -14.12
CA PHE A 761 16.83 -3.07 -12.68
C PHE A 761 17.11 -1.71 -12.12
N PHE A 762 16.23 -1.26 -11.23
CA PHE A 762 16.41 0.03 -10.60
C PHE A 762 16.80 -0.16 -9.16
N LYS A 763 17.31 0.89 -8.55
CA LYS A 763 17.83 0.72 -7.21
C LYS A 763 16.99 1.22 -6.01
N ALA A 764 16.44 2.39 -5.90
CA ALA A 764 15.77 2.53 -4.61
C ALA A 764 14.31 2.85 -4.75
N GLY A 765 14.10 4.13 -4.95
CA GLY A 765 12.79 4.65 -5.10
C GLY A 765 13.03 5.31 -6.42
N VAL A 766 14.11 4.88 -7.04
CA VAL A 766 14.42 5.40 -8.32
C VAL A 766 13.06 5.17 -9.02
N LEU A 767 12.51 3.97 -8.87
CA LEU A 767 11.18 3.63 -9.43
C LEU A 767 10.16 4.58 -8.84
N GLY A 768 10.07 4.60 -7.51
CA GLY A 768 9.15 5.50 -6.85
C GLY A 768 9.33 6.94 -7.34
N ASN A 769 10.57 7.34 -7.62
CA ASN A 769 10.87 8.69 -8.10
C ASN A 769 10.22 8.84 -9.48
N LEU A 770 10.17 7.74 -10.23
CA LEU A 770 9.56 7.73 -11.56
C LEU A 770 8.07 7.93 -11.38
N GLU A 771 7.48 7.03 -10.60
CA GLU A 771 6.05 7.09 -10.32
C GLU A 771 5.66 8.52 -9.99
N GLU A 772 6.42 9.08 -9.07
CA GLU A 772 6.25 10.44 -8.62
C GLU A 772 6.40 11.38 -9.81
N MET A 773 7.43 11.19 -10.62
CA MET A 773 7.64 12.05 -11.79
C MET A 773 6.49 11.87 -12.75
N ARG A 774 6.17 10.61 -13.00
CA ARG A 774 5.09 10.29 -13.91
C ARG A 774 3.85 11.08 -13.54
N ASP A 775 3.38 10.87 -12.30
CA ASP A 775 2.18 11.53 -11.80
C ASP A 775 2.25 13.05 -11.88
N GLU A 776 3.44 13.61 -11.76
CA GLU A 776 3.55 15.06 -11.86
C GLU A 776 3.33 15.42 -13.33
N ARG A 777 3.99 14.68 -14.22
CA ARG A 777 3.88 14.91 -15.66
C ARG A 777 2.51 14.66 -16.21
N LEU A 778 2.05 13.43 -16.08
CA LEU A 778 0.73 13.09 -16.55
C LEU A 778 -0.25 14.21 -16.30
N SER A 779 -0.14 14.85 -15.15
CA SER A 779 -1.05 15.92 -14.79
C SER A 779 -0.72 17.26 -15.44
N LYS A 780 0.51 17.45 -15.89
CA LYS A 780 0.84 18.72 -16.55
C LYS A 780 0.27 18.67 -17.96
N ILE A 781 0.53 17.58 -18.67
CA ILE A 781 -0.01 17.40 -20.01
C ILE A 781 -1.49 17.71 -19.93
N ILE A 782 -2.16 17.00 -19.01
CA ILE A 782 -3.58 17.19 -18.83
C ILE A 782 -3.93 18.66 -18.75
N SER A 783 -3.11 19.42 -18.03
CA SER A 783 -3.36 20.85 -17.92
C SER A 783 -3.15 21.46 -19.29
N MET A 784 -2.05 21.06 -19.94
CA MET A 784 -1.75 21.58 -21.24
C MET A 784 -2.91 21.35 -22.20
N PHE A 785 -3.38 20.11 -22.28
CA PHE A 785 -4.51 19.83 -23.17
C PHE A 785 -5.75 20.65 -22.81
N GLN A 786 -5.79 21.11 -21.57
CA GLN A 786 -6.92 21.91 -21.09
C GLN A 786 -6.75 23.37 -21.50
N ALA A 787 -5.54 23.89 -21.43
CA ALA A 787 -5.31 25.26 -21.85
C ALA A 787 -5.54 25.29 -23.35
N HIS A 788 -5.40 24.15 -24.01
CA HIS A 788 -5.61 24.12 -25.45
C HIS A 788 -7.11 24.23 -25.69
N ILE A 789 -7.89 23.55 -24.86
CA ILE A 789 -9.34 23.64 -24.99
C ILE A 789 -9.66 25.06 -24.62
N ARG A 790 -9.03 25.50 -23.53
CA ARG A 790 -9.23 26.85 -23.02
C ARG A 790 -8.88 27.91 -24.05
N GLY A 791 -7.72 27.80 -24.69
CA GLY A 791 -7.33 28.79 -25.67
C GLY A 791 -8.12 28.70 -26.97
N TYR A 792 -8.70 27.54 -27.24
CA TYR A 792 -9.49 27.34 -28.44
C TYR A 792 -10.74 28.19 -28.38
N LEU A 793 -11.42 28.10 -27.26
CA LEU A 793 -12.64 28.87 -27.04
C LEU A 793 -12.38 30.37 -27.20
N ILE A 794 -11.46 30.92 -26.40
CA ILE A 794 -11.11 32.33 -26.46
C ILE A 794 -10.88 32.80 -27.88
N ARG A 795 -10.61 31.84 -28.76
CA ARG A 795 -10.37 32.16 -30.14
C ARG A 795 -11.62 32.00 -30.96
N LYS A 796 -12.47 31.05 -30.59
CA LYS A 796 -13.71 30.90 -31.32
C LYS A 796 -14.43 32.21 -31.14
N ALA A 797 -14.62 32.58 -29.87
CA ALA A 797 -15.30 33.80 -29.50
C ALA A 797 -14.39 35.03 -29.58
N TYR A 798 -13.80 35.26 -30.76
CA TYR A 798 -12.92 36.41 -30.94
C TYR A 798 -13.44 37.32 -32.03
N LYS A 799 -14.20 36.76 -32.98
CA LYS A 799 -14.70 37.60 -34.04
C LYS A 799 -15.99 38.25 -33.57
N LYS A 800 -16.72 37.56 -32.70
CA LYS A 800 -17.95 38.13 -32.18
C LYS A 800 -17.45 39.25 -31.28
N LEU A 801 -16.29 39.02 -30.66
CA LEU A 801 -15.68 39.99 -29.77
C LEU A 801 -15.34 41.28 -30.55
N GLN A 802 -14.81 41.11 -31.76
CA GLN A 802 -14.45 42.27 -32.57
C GLN A 802 -15.63 43.01 -33.19
N ASP A 803 -16.59 42.26 -33.76
CA ASP A 803 -17.75 42.90 -34.36
C ASP A 803 -18.53 43.66 -33.36
N GLN A 804 -18.78 43.02 -32.22
CA GLN A 804 -19.54 43.68 -31.19
C GLN A 804 -18.89 45.01 -30.84
N ARG A 805 -17.56 45.03 -30.72
CA ARG A 805 -16.91 46.29 -30.40
C ARG A 805 -17.32 47.35 -31.41
N ILE A 806 -17.67 46.92 -32.62
CA ILE A 806 -18.08 47.90 -33.62
C ILE A 806 -19.51 48.20 -33.23
N GLY A 807 -20.23 47.16 -32.85
CA GLY A 807 -21.62 47.36 -32.46
C GLY A 807 -21.81 48.29 -31.28
N LEU A 808 -21.02 48.10 -30.23
CA LEU A 808 -21.13 48.94 -29.05
C LEU A 808 -20.48 50.31 -29.28
N SER A 809 -20.09 50.59 -30.51
CA SER A 809 -19.48 51.88 -30.82
C SER A 809 -20.51 52.67 -31.61
N VAL A 810 -21.33 51.95 -32.36
CA VAL A 810 -22.37 52.57 -33.15
C VAL A 810 -23.43 53.04 -32.19
N ILE A 811 -23.70 52.19 -31.21
CA ILE A 811 -24.73 52.50 -30.25
C ILE A 811 -24.36 53.37 -29.08
N GLN A 812 -23.14 53.84 -29.03
CA GLN A 812 -22.84 54.73 -27.92
C GLN A 812 -22.81 56.06 -28.63
N ARG A 813 -21.84 56.20 -29.51
CA ARG A 813 -21.65 57.42 -30.30
C ARG A 813 -22.96 58.02 -30.77
N ASN A 814 -23.80 57.20 -31.38
CA ASN A 814 -25.08 57.68 -31.87
C ASN A 814 -25.89 58.27 -30.75
N ILE A 815 -26.19 57.45 -29.75
CA ILE A 815 -26.95 57.93 -28.62
C ILE A 815 -26.23 59.14 -28.03
N ARG A 816 -24.91 59.03 -27.85
CA ARG A 816 -24.11 60.14 -27.32
C ARG A 816 -24.07 61.32 -28.25
N LYS A 817 -25.01 61.35 -29.18
CA LYS A 817 -25.13 62.44 -30.13
C LYS A 817 -26.60 62.78 -30.02
N TRP A 818 -27.44 61.77 -30.25
CA TRP A 818 -28.88 61.91 -30.17
C TRP A 818 -29.32 62.63 -28.89
N LEU A 819 -28.41 62.76 -27.94
CA LEU A 819 -28.75 63.44 -26.71
C LEU A 819 -28.37 64.88 -26.95
N VAL A 820 -27.12 65.09 -27.32
CA VAL A 820 -26.67 66.45 -27.60
C VAL A 820 -27.71 67.17 -28.44
N LEU A 821 -28.22 66.48 -29.46
CA LEU A 821 -29.22 67.04 -30.36
C LEU A 821 -30.56 67.36 -29.66
N ARG A 822 -30.97 66.54 -28.69
CA ARG A 822 -32.23 66.80 -27.98
C ARG A 822 -32.01 67.96 -27.05
N ASN A 823 -30.73 68.31 -26.92
CA ASN A 823 -30.32 69.38 -26.03
C ASN A 823 -29.86 70.58 -26.84
N TRP A 824 -30.20 70.61 -28.13
CA TRP A 824 -29.79 71.73 -28.97
C TRP A 824 -30.90 72.75 -29.02
N GLN A 825 -30.60 73.95 -28.53
CA GLN A 825 -31.60 75.00 -28.49
C GLN A 825 -32.49 75.02 -29.71
N TRP A 826 -31.88 74.91 -30.88
CA TRP A 826 -32.62 74.92 -32.12
C TRP A 826 -33.58 73.75 -32.20
N TRP A 827 -33.05 72.55 -31.98
CA TRP A 827 -33.87 71.36 -32.05
C TRP A 827 -35.04 71.50 -31.11
N LYS A 828 -34.78 71.83 -29.85
CA LYS A 828 -35.88 72.02 -28.90
C LYS A 828 -36.94 72.83 -29.63
N LEU A 829 -36.58 74.03 -30.02
CA LEU A 829 -37.49 74.92 -30.73
C LEU A 829 -38.20 74.13 -31.81
N TYR A 830 -37.45 73.75 -32.83
CA TYR A 830 -38.02 72.98 -33.91
C TYR A 830 -39.16 72.06 -33.50
N SER A 831 -38.94 71.27 -32.44
CA SER A 831 -39.93 70.33 -31.97
C SER A 831 -41.18 71.00 -31.41
N LYS A 832 -41.01 72.01 -30.56
CA LYS A 832 -42.13 72.73 -29.98
C LYS A 832 -43.05 73.10 -31.14
N VAL A 833 -42.41 73.47 -32.24
CA VAL A 833 -43.09 73.87 -33.44
C VAL A 833 -43.59 72.72 -34.30
N LYS A 834 -43.13 71.51 -34.04
CA LYS A 834 -43.50 70.33 -34.83
C LYS A 834 -44.98 69.88 -34.89
N PRO A 835 -45.79 70.46 -35.81
CA PRO A 835 -47.20 70.10 -35.93
C PRO A 835 -47.51 69.39 -37.27
N PRO B 13 -31.52 64.10 -47.72
CA PRO B 13 -32.85 64.41 -47.14
C PRO B 13 -33.61 65.32 -48.09
N GLN B 14 -34.57 64.77 -48.81
CA GLN B 14 -35.32 65.61 -49.74
C GLN B 14 -36.56 66.15 -49.05
N LYS B 15 -37.56 65.30 -48.91
CA LYS B 15 -38.81 65.73 -48.28
C LYS B 15 -38.88 65.96 -46.76
N GLN B 16 -37.75 66.28 -46.13
CA GLN B 16 -37.78 66.59 -44.69
C GLN B 16 -37.80 68.11 -44.78
N ILE B 17 -37.27 68.59 -45.90
CA ILE B 17 -37.17 70.00 -46.20
C ILE B 17 -38.57 70.58 -46.27
N GLN B 18 -39.52 69.78 -46.71
CA GLN B 18 -40.91 70.24 -46.81
C GLN B 18 -41.31 70.79 -45.44
N GLU B 19 -40.77 70.18 -44.38
CA GLU B 19 -41.03 70.57 -43.00
C GLU B 19 -40.24 71.80 -42.55
N MET B 20 -38.92 71.73 -42.66
CA MET B 20 -38.04 72.84 -42.28
C MET B 20 -38.73 74.12 -42.69
N LYS B 21 -39.10 74.16 -43.96
CA LYS B 21 -39.78 75.30 -44.53
C LYS B 21 -41.00 75.57 -43.66
N GLU B 22 -41.84 74.55 -43.48
CA GLU B 22 -43.03 74.68 -42.65
C GLU B 22 -42.65 75.35 -41.34
N ALA B 23 -41.61 74.81 -40.70
CA ALA B 23 -41.14 75.36 -39.44
C ALA B 23 -40.66 76.78 -39.64
N PHE B 24 -39.79 76.99 -40.62
CA PHE B 24 -39.26 78.32 -40.85
C PHE B 24 -40.34 79.39 -40.73
N SER B 25 -41.38 79.26 -41.53
CA SER B 25 -42.52 80.17 -41.54
C SER B 25 -43.21 80.29 -40.17
N MET B 26 -43.85 79.21 -39.71
CA MET B 26 -44.52 79.22 -38.43
C MET B 26 -43.56 79.82 -37.40
N ILE B 27 -42.28 79.86 -37.74
CA ILE B 27 -41.27 80.42 -36.86
C ILE B 27 -41.13 81.92 -37.16
N ASP B 28 -40.87 82.22 -38.43
CA ASP B 28 -40.70 83.59 -38.92
C ASP B 28 -42.06 84.30 -38.86
N VAL B 29 -42.51 84.59 -37.65
CA VAL B 29 -43.79 85.27 -37.45
C VAL B 29 -43.89 86.57 -38.25
N ASP B 30 -43.07 87.56 -37.89
CA ASP B 30 -43.10 88.83 -38.61
C ASP B 30 -42.82 88.48 -40.05
N ARG B 31 -42.27 87.29 -40.21
CA ARG B 31 -42.04 86.71 -41.52
C ARG B 31 -41.16 87.60 -42.30
N ASP B 32 -40.19 88.13 -41.58
CA ASP B 32 -39.24 89.01 -42.17
C ASP B 32 -38.24 88.20 -42.97
N GLY B 33 -38.83 87.26 -43.68
CA GLY B 33 -38.13 86.37 -44.57
C GLY B 33 -36.88 85.84 -43.89
N PHE B 34 -36.61 86.36 -42.71
CA PHE B 34 -35.46 85.99 -41.93
C PHE B 34 -35.86 85.74 -40.50
N VAL B 35 -35.20 84.77 -39.88
CA VAL B 35 -35.47 84.42 -38.50
C VAL B 35 -34.68 85.38 -37.62
N SER B 36 -35.42 86.28 -36.99
CA SER B 36 -34.86 87.32 -36.14
C SER B 36 -34.73 86.97 -34.67
N LYS B 37 -33.86 87.72 -33.99
CA LYS B 37 -33.64 87.56 -32.56
C LYS B 37 -35.01 87.61 -31.88
N GLU B 38 -35.87 88.54 -32.33
CA GLU B 38 -37.19 88.69 -31.78
C GLU B 38 -38.12 87.65 -32.43
N ASP B 39 -37.63 87.02 -33.50
CA ASP B 39 -38.45 86.03 -34.21
C ASP B 39 -38.61 84.74 -33.41
N ILE B 40 -37.63 84.45 -32.57
CA ILE B 40 -37.62 83.25 -31.74
C ILE B 40 -38.31 83.54 -30.41
N LYS B 41 -37.77 84.52 -29.69
CA LYS B 41 -38.30 84.95 -28.40
C LYS B 41 -39.79 85.20 -28.53
N ALA B 42 -40.30 84.99 -29.74
CA ALA B 42 -41.70 85.17 -29.99
C ALA B 42 -42.34 83.79 -30.09
N ILE B 43 -42.16 83.14 -31.23
CA ILE B 43 -42.72 81.83 -31.45
C ILE B 43 -42.51 80.89 -30.27
N SER B 44 -41.41 81.09 -29.54
CA SER B 44 -41.11 80.28 -28.35
C SER B 44 -42.05 80.76 -27.25
N GLU B 45 -41.88 82.04 -26.90
CA GLU B 45 -42.69 82.66 -25.87
C GLU B 45 -44.18 82.43 -26.19
N GLN B 46 -44.43 81.82 -27.34
CA GLN B 46 -45.77 81.53 -27.81
C GLN B 46 -46.18 80.13 -27.36
N LEU B 47 -45.29 79.15 -27.54
CA LEU B 47 -45.60 77.79 -27.12
C LEU B 47 -45.14 77.48 -25.71
N GLY B 48 -43.88 77.08 -25.57
CA GLY B 48 -43.33 76.76 -24.27
C GLY B 48 -42.45 77.84 -23.66
N ARG B 49 -41.63 77.41 -22.71
CA ARG B 49 -40.71 78.26 -21.97
C ARG B 49 -39.59 78.81 -22.87
N ALA B 50 -39.76 80.04 -23.35
CA ALA B 50 -38.80 80.71 -24.23
C ALA B 50 -37.40 80.84 -23.63
N PRO B 51 -36.36 80.91 -24.49
CA PRO B 51 -34.98 81.02 -24.01
C PRO B 51 -34.65 82.40 -23.46
N ASP B 52 -33.43 82.53 -22.93
CA ASP B 52 -33.00 83.79 -22.39
C ASP B 52 -32.57 84.67 -23.54
N ASP B 53 -31.67 85.61 -23.26
CA ASP B 53 -31.12 86.53 -24.23
C ASP B 53 -29.87 85.92 -24.85
N LYS B 54 -28.84 85.75 -24.04
CA LYS B 54 -27.62 85.16 -24.56
C LYS B 54 -27.99 83.81 -25.16
N GLU B 55 -29.04 83.21 -24.62
CA GLU B 55 -29.52 81.95 -25.15
C GLU B 55 -29.82 82.19 -26.63
N LEU B 56 -30.59 83.24 -26.90
CA LEU B 56 -30.97 83.60 -28.25
C LEU B 56 -29.74 83.99 -29.03
N THR B 57 -29.00 84.94 -28.48
CA THR B 57 -27.80 85.42 -29.13
C THR B 57 -26.87 84.31 -29.57
N ALA B 58 -26.76 83.24 -28.80
CA ALA B 58 -25.88 82.16 -29.19
C ALA B 58 -26.51 81.34 -30.31
N MET B 59 -27.83 81.43 -30.43
CA MET B 59 -28.52 80.69 -31.47
C MET B 59 -28.25 81.34 -32.82
N LEU B 60 -28.18 82.66 -32.83
CA LEU B 60 -27.90 83.36 -34.08
C LEU B 60 -26.41 83.25 -34.46
N LYS B 61 -25.51 83.56 -33.53
CA LYS B 61 -24.05 83.47 -33.80
C LYS B 61 -23.68 82.11 -34.39
N GLU B 62 -24.63 81.19 -34.35
CA GLU B 62 -24.44 79.85 -34.88
C GLU B 62 -24.68 79.83 -36.39
N ALA B 63 -24.97 81.00 -36.95
CA ALA B 63 -25.22 81.10 -38.37
C ALA B 63 -24.51 82.29 -39.00
N PRO B 64 -23.62 82.03 -39.94
CA PRO B 64 -22.84 83.05 -40.65
C PRO B 64 -23.58 84.37 -40.89
N GLY B 65 -24.53 84.37 -41.82
CA GLY B 65 -25.27 85.59 -42.12
C GLY B 65 -26.70 85.56 -41.63
N PRO B 66 -27.52 86.56 -42.00
CA PRO B 66 -28.92 86.61 -41.57
C PRO B 66 -29.57 85.26 -41.76
N LEU B 67 -30.64 85.00 -41.00
CA LEU B 67 -31.32 83.72 -41.06
C LEU B 67 -32.34 83.44 -42.15
N ASN B 68 -31.91 83.42 -43.40
CA ASN B 68 -32.83 83.08 -44.47
C ASN B 68 -33.01 81.58 -44.31
N PHE B 69 -33.95 81.01 -45.05
CA PHE B 69 -34.19 79.59 -44.95
C PHE B 69 -32.92 78.78 -45.22
N THR B 70 -32.22 79.07 -46.32
CA THR B 70 -30.98 78.36 -46.65
C THR B 70 -30.15 78.24 -45.37
N MET B 71 -29.58 79.36 -44.93
CA MET B 71 -28.78 79.39 -43.71
C MET B 71 -29.42 78.55 -42.58
N PHE B 72 -30.71 78.29 -42.70
CA PHE B 72 -31.46 77.53 -41.70
C PHE B 72 -31.18 76.04 -41.82
N LEU B 73 -31.50 75.47 -42.97
CA LEU B 73 -31.26 74.03 -43.17
C LEU B 73 -29.79 73.73 -43.09
N SER B 74 -28.98 74.76 -43.34
CA SER B 74 -27.54 74.64 -43.29
C SER B 74 -27.09 74.31 -41.87
N ILE B 75 -27.54 75.09 -40.89
CA ILE B 75 -27.14 74.83 -39.52
C ILE B 75 -27.63 73.47 -39.06
N PHE B 76 -28.71 72.99 -39.66
CA PHE B 76 -29.28 71.71 -39.30
C PHE B 76 -28.59 70.53 -39.87
N SER B 77 -28.15 70.69 -41.09
CA SER B 77 -27.54 69.56 -41.72
C SER B 77 -26.31 69.12 -40.99
N ASP B 78 -25.47 70.07 -40.61
CA ASP B 78 -24.25 69.75 -39.92
C ASP B 78 -24.58 69.06 -38.66
N LYS B 79 -25.66 69.51 -38.06
CA LYS B 79 -26.06 68.84 -36.88
C LYS B 79 -26.63 67.41 -37.13
N LEU B 80 -26.65 66.86 -38.36
CA LEU B 80 -27.11 65.44 -38.49
C LEU B 80 -26.14 64.69 -39.39
N SER B 81 -25.07 65.36 -39.76
CA SER B 81 -24.06 64.84 -40.68
C SER B 81 -23.42 63.49 -40.36
N GLY B 82 -23.08 63.22 -39.11
CA GLY B 82 -22.41 61.97 -38.82
C GLY B 82 -23.18 60.91 -38.08
N THR B 83 -24.46 60.77 -38.40
CA THR B 83 -25.26 59.76 -37.74
C THR B 83 -25.32 58.55 -38.66
N ASP B 84 -25.19 57.37 -38.06
CA ASP B 84 -25.24 56.15 -38.83
C ASP B 84 -26.73 55.96 -39.10
N SER B 85 -27.10 55.06 -40.00
CA SER B 85 -28.51 54.87 -40.30
C SER B 85 -29.31 54.06 -39.28
N GLU B 86 -30.57 53.82 -39.59
CA GLU B 86 -31.48 53.06 -38.72
C GLU B 86 -31.15 51.58 -38.80
N GLU B 87 -30.23 51.26 -39.72
CA GLU B 87 -29.81 49.87 -39.91
C GLU B 87 -28.47 49.67 -39.25
N THR B 88 -27.53 50.56 -39.55
CA THR B 88 -26.22 50.47 -38.97
C THR B 88 -26.41 50.57 -37.46
N ILE B 89 -27.56 51.07 -37.03
CA ILE B 89 -27.86 51.20 -35.62
C ILE B 89 -28.69 50.04 -35.10
N ARG B 90 -29.89 49.89 -35.65
CA ARG B 90 -30.77 48.83 -35.22
C ARG B 90 -30.13 47.44 -35.31
N ASN B 91 -29.04 47.33 -36.06
CA ASN B 91 -28.37 46.04 -36.21
C ASN B 91 -27.14 46.01 -35.31
N ALA B 92 -26.66 47.18 -34.94
CA ALA B 92 -25.50 47.28 -34.06
C ALA B 92 -25.93 46.76 -32.68
N PHE B 93 -27.24 46.85 -32.43
CA PHE B 93 -27.83 46.39 -31.18
C PHE B 93 -27.97 44.88 -31.28
N ALA B 94 -28.72 44.46 -32.30
CA ALA B 94 -29.02 43.06 -32.57
C ALA B 94 -27.81 42.14 -32.55
N MET B 95 -26.62 42.71 -32.60
CA MET B 95 -25.41 41.90 -32.56
C MET B 95 -25.37 41.29 -31.16
N PHE B 96 -25.98 41.97 -30.20
CA PHE B 96 -26.01 41.47 -28.84
C PHE B 96 -27.26 40.66 -28.52
N ASP B 97 -28.23 40.72 -29.42
CA ASP B 97 -29.45 39.94 -29.26
C ASP B 97 -28.84 38.72 -29.89
N GLU B 98 -28.80 37.63 -29.16
CA GLU B 98 -28.11 36.50 -29.72
C GLU B 98 -29.16 35.67 -30.40
N GLN B 99 -30.25 35.63 -29.65
CA GLN B 99 -31.45 34.87 -29.88
C GLN B 99 -32.36 35.43 -30.96
N GLU B 100 -32.13 36.65 -31.42
CA GLU B 100 -33.00 37.19 -32.46
C GLU B 100 -34.42 37.39 -31.95
N THR B 101 -34.50 37.97 -30.78
CA THR B 101 -35.76 38.20 -30.07
C THR B 101 -36.30 39.61 -30.16
N LYS B 102 -35.54 40.47 -30.82
CA LYS B 102 -35.92 41.88 -30.87
C LYS B 102 -35.85 42.50 -29.45
N LYS B 103 -34.86 42.14 -28.65
CA LYS B 103 -34.77 42.71 -27.31
C LYS B 103 -33.45 42.36 -26.65
N LEU B 104 -33.01 43.24 -25.78
CA LEU B 104 -31.82 43.03 -24.99
C LEU B 104 -32.35 43.12 -23.57
N ASN B 105 -32.36 42.01 -22.83
CA ASN B 105 -32.88 42.06 -21.46
C ASN B 105 -32.19 43.30 -20.90
N ILE B 106 -32.98 44.18 -20.29
CA ILE B 106 -32.51 45.48 -19.81
C ILE B 106 -31.13 45.60 -19.20
N GLU B 107 -30.91 44.88 -18.12
CA GLU B 107 -29.66 44.97 -17.40
C GLU B 107 -28.46 44.75 -18.27
N TYR B 108 -28.63 43.96 -19.31
CA TYR B 108 -27.50 43.70 -20.19
C TYR B 108 -27.03 44.94 -20.89
N ILE B 109 -27.95 45.63 -21.54
CA ILE B 109 -27.59 46.85 -22.25
C ILE B 109 -27.25 47.91 -21.23
N LYS B 110 -27.96 47.90 -20.10
CA LYS B 110 -27.72 48.85 -19.03
C LYS B 110 -26.25 48.76 -18.65
N ASP B 111 -25.69 47.56 -18.66
CA ASP B 111 -24.30 47.36 -18.29
C ASP B 111 -23.41 47.51 -19.50
N LEU B 112 -23.92 47.09 -20.65
CA LEU B 112 -23.15 47.21 -21.87
C LEU B 112 -22.76 48.66 -22.02
N LEU B 113 -23.77 49.51 -22.05
CA LEU B 113 -23.60 50.94 -22.22
C LEU B 113 -22.76 51.68 -21.19
N GLU B 114 -22.83 51.26 -19.93
CA GLU B 114 -22.15 51.96 -18.88
C GLU B 114 -20.77 51.49 -18.46
N ASN B 115 -20.59 50.18 -18.33
CA ASN B 115 -19.30 49.70 -17.87
C ASN B 115 -18.46 48.93 -18.90
N MET B 116 -18.51 49.43 -20.14
CA MET B 116 -17.79 48.89 -21.29
C MET B 116 -17.58 49.99 -22.32
N GLY B 117 -17.55 49.64 -23.61
CA GLY B 117 -17.32 50.62 -24.66
C GLY B 117 -16.49 51.74 -24.07
N ASP B 118 -16.87 52.98 -24.34
CA ASP B 118 -16.17 54.09 -23.71
C ASP B 118 -17.24 54.28 -22.63
N ASN B 119 -16.94 53.93 -21.39
CA ASN B 119 -17.95 54.01 -20.35
C ASN B 119 -18.88 55.24 -20.30
N PHE B 120 -20.18 54.98 -20.43
CA PHE B 120 -21.26 55.98 -20.37
C PHE B 120 -21.24 56.56 -18.97
N ASN B 121 -21.20 57.89 -18.87
CA ASN B 121 -21.18 58.50 -17.54
C ASN B 121 -22.58 58.55 -16.94
N LYS B 122 -22.61 58.71 -15.62
CA LYS B 122 -23.84 58.77 -14.83
C LYS B 122 -25.02 59.44 -15.51
N ASP B 123 -25.03 60.78 -15.50
CA ASP B 123 -26.12 61.54 -16.11
C ASP B 123 -26.29 61.15 -17.58
N GLU B 124 -25.18 60.80 -18.23
CA GLU B 124 -25.19 60.40 -19.64
C GLU B 124 -26.02 59.13 -19.75
N MET B 125 -25.94 58.32 -18.72
CA MET B 125 -26.64 57.06 -18.62
C MET B 125 -28.09 57.29 -18.18
N ARG B 126 -28.29 58.33 -17.40
CA ARG B 126 -29.61 58.66 -16.87
C ARG B 126 -30.61 59.16 -17.90
N MET B 127 -30.19 60.12 -18.73
CA MET B 127 -31.06 60.68 -19.74
C MET B 127 -31.40 59.68 -20.85
N THR B 128 -30.52 58.74 -21.11
CA THR B 128 -30.76 57.77 -22.18
C THR B 128 -31.82 56.73 -21.89
N PHE B 129 -32.18 56.58 -20.62
CA PHE B 129 -33.19 55.62 -20.24
C PHE B 129 -34.40 56.35 -19.67
N LYS B 130 -34.28 57.66 -19.54
CA LYS B 130 -35.36 58.46 -18.97
C LYS B 130 -36.70 58.05 -19.57
N GLU B 131 -36.71 57.84 -20.88
CA GLU B 131 -37.94 57.48 -21.56
C GLU B 131 -37.83 56.23 -22.43
N ALA B 132 -36.64 55.66 -22.48
CA ALA B 132 -36.40 54.46 -23.26
C ALA B 132 -37.53 53.45 -23.01
N PRO B 133 -37.94 52.71 -24.06
CA PRO B 133 -39.00 51.68 -24.07
C PRO B 133 -38.65 50.36 -23.40
N VAL B 134 -38.99 50.23 -22.12
CA VAL B 134 -38.70 49.01 -21.39
C VAL B 134 -39.96 48.23 -20.98
N GLU B 135 -39.89 46.90 -21.11
CA GLU B 135 -40.99 45.99 -20.79
C GLU B 135 -40.44 44.80 -20.04
N GLY B 136 -41.35 43.97 -19.49
CA GLY B 136 -40.96 42.79 -18.75
C GLY B 136 -39.46 42.54 -18.68
N GLY B 137 -38.71 43.54 -18.23
CA GLY B 137 -37.27 43.42 -18.16
C GLY B 137 -36.57 43.68 -19.48
N LYS B 138 -37.20 43.25 -20.58
CA LYS B 138 -36.64 43.42 -21.92
C LYS B 138 -36.47 44.91 -22.29
N PHE B 139 -35.89 45.16 -23.46
CA PHE B 139 -35.62 46.52 -23.94
C PHE B 139 -35.76 46.47 -25.47
N ASP B 140 -36.73 47.18 -26.02
CA ASP B 140 -36.92 47.13 -27.46
C ASP B 140 -36.06 48.14 -28.21
N TYR B 141 -34.82 47.74 -28.47
CA TYR B 141 -33.90 48.61 -29.19
C TYR B 141 -34.46 48.88 -30.57
N VAL B 142 -35.27 47.95 -31.07
CA VAL B 142 -35.88 48.13 -32.36
C VAL B 142 -36.67 49.43 -32.35
N LYS B 143 -37.48 49.63 -31.31
CA LYS B 143 -38.25 50.86 -31.22
C LYS B 143 -37.34 52.01 -30.84
N PHE B 144 -36.57 51.80 -29.78
CA PHE B 144 -35.66 52.84 -29.30
C PHE B 144 -34.81 53.42 -30.40
N THR B 145 -34.65 52.67 -31.48
CA THR B 145 -33.84 53.17 -32.57
C THR B 145 -34.72 53.93 -33.53
N ALA B 146 -35.90 53.37 -33.76
CA ALA B 146 -36.82 54.02 -34.64
C ALA B 146 -37.27 55.32 -33.98
N MET B 147 -36.67 55.65 -32.84
CA MET B 147 -37.02 56.85 -32.10
C MET B 147 -35.80 57.74 -32.09
N ILE B 148 -34.68 57.11 -31.75
CA ILE B 148 -33.42 57.81 -31.71
C ILE B 148 -33.23 58.41 -33.08
N LYS B 149 -33.33 57.58 -34.11
CA LYS B 149 -33.16 58.11 -35.44
C LYS B 149 -34.30 57.87 -36.40
N GLY B 150 -35.18 58.85 -36.49
CA GLY B 150 -36.26 58.74 -37.45
C GLY B 150 -37.77 58.65 -37.26
N SER B 151 -38.21 57.51 -37.79
CA SER B 151 -39.57 57.00 -37.99
C SER B 151 -40.76 56.73 -37.07
N GLY B 152 -41.92 57.18 -37.52
CA GLY B 152 -43.15 56.86 -36.79
C GLY B 152 -44.04 58.01 -36.41
N GLU B 153 -43.43 59.13 -36.08
CA GLU B 153 -44.22 60.26 -35.65
C GLU B 153 -43.90 61.67 -36.13
N GLU B 154 -44.89 62.54 -35.94
CA GLU B 154 -44.92 63.98 -36.27
C GLU B 154 -46.32 64.37 -36.80
N LYS C 2 12.34 36.69 -28.17
CA LYS C 2 12.01 38.08 -28.62
C LYS C 2 10.89 38.08 -29.67
N LEU C 3 10.14 39.18 -29.71
CA LEU C 3 9.02 39.34 -30.65
C LEU C 3 9.38 40.26 -31.81
N SER C 4 8.62 40.14 -32.89
CA SER C 4 8.82 40.98 -34.06
C SER C 4 7.97 42.22 -33.83
N GLN C 5 8.15 43.26 -34.65
CA GLN C 5 7.36 44.45 -34.45
C GLN C 5 5.90 44.06 -34.47
N ASP C 6 5.50 43.53 -35.61
CA ASP C 6 4.13 43.10 -35.86
C ASP C 6 3.59 42.15 -34.83
N GLU C 7 4.45 41.26 -34.34
CA GLU C 7 4.00 40.36 -33.32
C GLU C 7 3.51 41.32 -32.23
N ILE C 8 4.35 42.32 -31.92
CA ILE C 8 4.02 43.33 -30.94
C ILE C 8 2.82 44.11 -31.45
N ASP C 9 2.59 44.04 -32.76
CA ASP C 9 1.47 44.73 -33.39
C ASP C 9 0.20 43.91 -33.16
N ASP C 10 0.35 42.59 -33.17
CA ASP C 10 -0.78 41.70 -32.97
C ASP C 10 -1.22 41.81 -31.52
N LEU C 11 -0.28 42.18 -30.66
CA LEU C 11 -0.56 42.36 -29.25
C LEU C 11 -1.15 43.73 -29.13
N LYS C 12 -0.59 44.64 -29.93
CA LYS C 12 -1.06 46.01 -29.94
C LYS C 12 -2.50 46.02 -30.36
N ASP C 13 -2.81 45.33 -31.46
CA ASP C 13 -4.17 45.29 -31.95
C ASP C 13 -5.08 44.71 -30.88
N VAL C 14 -4.87 43.44 -30.56
CA VAL C 14 -5.69 42.77 -29.55
C VAL C 14 -5.88 43.56 -28.27
N PHE C 15 -4.78 43.83 -27.57
CA PHE C 15 -4.86 44.58 -26.33
C PHE C 15 -5.88 45.69 -26.41
N GLU C 16 -5.88 46.42 -27.52
CA GLU C 16 -6.80 47.54 -27.69
C GLU C 16 -8.24 47.12 -27.92
N LEU C 17 -8.59 45.95 -27.43
CA LEU C 17 -9.95 45.45 -27.58
C LEU C 17 -10.38 45.10 -26.20
N PHE C 18 -9.51 44.41 -25.49
CA PHE C 18 -9.81 44.03 -24.12
C PHE C 18 -9.75 45.26 -23.24
N ASP C 19 -9.16 46.34 -23.75
CA ASP C 19 -9.12 47.53 -22.92
C ASP C 19 -10.50 48.11 -23.05
N PHE C 20 -10.90 48.21 -24.31
CA PHE C 20 -12.19 48.71 -24.69
C PHE C 20 -13.31 48.12 -23.85
N TRP C 21 -13.37 46.79 -23.80
CA TRP C 21 -14.43 46.12 -23.07
C TRP C 21 -14.71 46.33 -21.60
N ASP C 22 -13.79 46.94 -20.88
CA ASP C 22 -14.06 47.18 -19.46
C ASP C 22 -14.03 48.68 -19.37
N GLY C 23 -13.67 49.28 -20.50
CA GLY C 23 -13.60 50.72 -20.61
C GLY C 23 -12.32 51.18 -21.29
N ARG C 24 -12.46 51.97 -22.35
CA ARG C 24 -11.25 52.46 -23.01
C ARG C 24 -10.66 53.39 -21.98
N ASP C 25 -9.61 52.95 -21.34
CA ASP C 25 -8.99 53.76 -20.33
C ASP C 25 -7.52 53.54 -20.44
N GLY C 26 -7.16 52.77 -21.46
CA GLY C 26 -5.76 52.48 -21.69
C GLY C 26 -5.18 51.35 -20.87
N ALA C 27 -6.03 50.53 -20.27
CA ALA C 27 -5.55 49.41 -19.48
C ALA C 27 -6.46 48.21 -19.64
N VAL C 28 -5.94 47.06 -19.23
CA VAL C 28 -6.66 45.80 -19.30
C VAL C 28 -6.68 45.09 -17.96
N ASP C 29 -7.84 44.60 -17.58
CA ASP C 29 -8.01 43.92 -16.33
C ASP C 29 -7.07 42.72 -16.26
N ALA C 30 -6.33 42.64 -15.17
CA ALA C 30 -5.37 41.58 -14.95
C ALA C 30 -6.01 40.21 -15.16
N PHE C 31 -7.28 40.11 -14.80
CA PHE C 31 -7.98 38.86 -14.96
C PHE C 31 -7.94 38.39 -16.40
N LYS C 32 -8.10 39.35 -17.32
CA LYS C 32 -8.08 39.04 -18.73
C LYS C 32 -6.69 38.98 -19.34
N LEU C 33 -5.66 39.42 -18.61
CA LEU C 33 -4.31 39.39 -19.17
C LEU C 33 -4.00 38.13 -19.95
N GLY C 34 -4.24 36.98 -19.35
CA GLY C 34 -3.95 35.75 -20.06
C GLY C 34 -4.96 35.49 -21.15
N ASP C 35 -6.23 35.51 -20.78
CA ASP C 35 -7.34 35.31 -21.70
C ASP C 35 -7.08 36.09 -22.99
N VAL C 36 -6.13 37.02 -22.93
CA VAL C 36 -5.77 37.84 -24.07
C VAL C 36 -4.68 37.22 -24.92
N CYS C 37 -3.86 36.39 -24.28
CA CYS C 37 -2.77 35.75 -24.98
C CYS C 37 -3.23 34.59 -25.84
N ARG C 38 -4.39 34.05 -25.53
CA ARG C 38 -4.93 32.96 -26.30
C ARG C 38 -5.36 33.47 -27.65
N CYS C 39 -5.61 34.78 -27.73
CA CYS C 39 -6.04 35.40 -28.97
C CYS C 39 -4.84 35.56 -29.88
N LEU C 40 -3.72 34.94 -29.49
CA LEU C 40 -2.51 35.03 -30.27
C LEU C 40 -1.96 33.64 -30.49
N GLY C 41 -2.86 32.67 -30.49
CA GLY C 41 -2.44 31.29 -30.68
C GLY C 41 -1.54 30.69 -29.63
N ILE C 42 -1.80 30.98 -28.36
CA ILE C 42 -1.02 30.40 -27.29
C ILE C 42 -2.00 29.61 -26.44
N ASN C 43 -1.52 28.97 -25.40
CA ASN C 43 -2.37 28.17 -24.53
C ASN C 43 -1.68 28.08 -23.18
N PRO C 44 -1.20 29.21 -22.66
CA PRO C 44 -0.51 29.22 -21.37
C PRO C 44 -1.42 28.74 -20.25
N ARG C 45 -1.03 27.69 -19.53
CA ARG C 45 -1.86 27.19 -18.45
C ARG C 45 -2.18 28.30 -17.45
N ASN C 46 -3.23 28.12 -16.65
CA ASN C 46 -3.60 29.13 -15.66
C ASN C 46 -2.42 29.43 -14.73
N GLU C 47 -1.77 28.40 -14.23
CA GLU C 47 -0.63 28.60 -13.33
C GLU C 47 0.39 29.57 -13.94
N ASP C 48 0.49 29.58 -15.26
CA ASP C 48 1.42 30.46 -15.98
C ASP C 48 0.91 31.89 -15.94
N VAL C 49 -0.29 32.10 -16.46
CA VAL C 49 -0.84 33.44 -16.46
C VAL C 49 -0.73 34.13 -15.12
N PHE C 50 -1.13 33.44 -14.06
CA PHE C 50 -1.09 34.05 -12.74
C PHE C 50 0.34 34.24 -12.30
N ALA C 51 1.21 33.43 -12.89
CA ALA C 51 2.64 33.51 -12.58
C ALA C 51 3.26 34.82 -13.05
N VAL C 52 2.71 35.38 -14.13
CA VAL C 52 3.22 36.63 -14.69
C VAL C 52 2.48 37.88 -14.22
N GLY C 53 1.24 37.72 -13.78
CA GLY C 53 0.48 38.87 -13.32
C GLY C 53 -0.99 38.60 -13.43
N GLY C 54 -1.34 37.37 -13.73
CA GLY C 54 -2.75 37.05 -13.87
C GLY C 54 -3.50 37.39 -12.60
N THR C 55 -4.82 37.28 -12.66
CA THR C 55 -5.65 37.55 -11.51
C THR C 55 -6.81 36.61 -11.59
N HIS C 56 -7.37 36.28 -10.43
CA HIS C 56 -8.48 35.35 -10.41
C HIS C 56 -9.85 36.04 -10.47
N LYS C 57 -9.92 37.30 -10.05
CA LYS C 57 -11.19 38.02 -10.07
C LYS C 57 -11.11 39.28 -10.90
N MET C 58 -12.10 39.48 -11.76
CA MET C 58 -12.12 40.63 -12.63
C MET C 58 -12.27 41.91 -11.82
N GLY C 59 -11.24 42.76 -11.88
CA GLY C 59 -11.27 44.02 -11.15
C GLY C 59 -10.37 44.11 -9.94
N GLU C 60 -9.11 43.69 -10.08
CA GLU C 60 -8.16 43.74 -8.98
C GLU C 60 -6.92 44.55 -9.35
N LYS C 61 -6.53 44.44 -10.62
CA LYS C 61 -5.38 45.15 -11.16
C LYS C 61 -5.59 45.41 -12.66
N SER C 62 -5.16 46.58 -13.12
CA SER C 62 -5.30 46.96 -14.52
C SER C 62 -3.90 47.05 -15.10
N LEU C 63 -3.72 46.61 -16.34
CA LEU C 63 -2.41 46.64 -16.94
C LEU C 63 -2.33 47.38 -18.27
N PRO C 64 -1.37 48.30 -18.40
CA PRO C 64 -1.18 49.08 -19.62
C PRO C 64 -0.36 48.27 -20.62
N PHE C 65 -0.36 48.69 -21.88
CA PHE C 65 0.38 47.94 -22.89
C PHE C 65 1.84 47.70 -22.51
N GLU C 66 2.63 48.76 -22.49
CA GLU C 66 4.06 48.67 -22.17
C GLU C 66 4.36 47.61 -21.13
N GLU C 67 3.49 47.50 -20.14
CA GLU C 67 3.63 46.50 -19.08
C GLU C 67 3.30 45.13 -19.64
N PHE C 68 2.16 45.07 -20.31
CA PHE C 68 1.68 43.83 -20.91
C PHE C 68 2.75 43.04 -21.63
N LEU C 69 3.20 43.60 -22.74
CA LEU C 69 4.22 43.00 -23.58
C LEU C 69 5.20 42.12 -22.83
N PRO C 70 5.95 42.68 -21.87
CA PRO C 70 6.86 41.77 -21.17
C PRO C 70 6.19 40.50 -20.64
N ALA C 71 5.05 40.66 -19.98
CA ALA C 71 4.30 39.55 -19.39
C ALA C 71 4.00 38.48 -20.43
N TYR C 72 3.87 38.93 -21.67
CA TYR C 72 3.60 38.05 -22.77
C TYR C 72 4.85 37.22 -23.10
N GLU C 73 5.96 37.89 -23.42
CA GLU C 73 7.21 37.18 -23.74
C GLU C 73 7.36 36.11 -22.68
N GLY C 74 6.83 36.42 -21.50
CA GLY C 74 6.87 35.48 -20.41
C GLY C 74 6.08 34.24 -20.79
N LEU C 75 4.77 34.37 -20.86
CA LEU C 75 3.90 33.25 -21.21
C LEU C 75 4.25 32.52 -22.53
N MET C 76 5.38 32.87 -23.14
CA MET C 76 5.81 32.22 -24.39
C MET C 76 6.76 31.04 -24.15
N ASP C 77 7.90 31.28 -23.49
CA ASP C 77 8.89 30.24 -23.20
C ASP C 77 8.32 29.00 -22.49
N CYS C 78 7.07 29.12 -22.02
CA CYS C 78 6.38 28.04 -21.34
C CYS C 78 5.98 26.93 -22.31
N GLU C 79 6.00 25.71 -21.80
CA GLU C 79 5.70 24.51 -22.58
C GLU C 79 4.30 24.42 -23.17
N GLN C 80 4.25 23.99 -24.43
CA GLN C 80 3.01 23.79 -25.17
C GLN C 80 2.92 22.29 -25.40
N GLY C 81 1.71 21.76 -25.48
CA GLY C 81 1.55 20.33 -25.67
C GLY C 81 1.70 19.83 -27.08
N THR C 82 2.26 18.65 -27.24
CA THR C 82 2.43 18.07 -28.56
C THR C 82 1.51 16.87 -28.63
N PHE C 83 0.91 16.68 -29.80
CA PHE C 83 0.01 15.55 -30.03
C PHE C 83 0.36 14.33 -29.16
N ALA C 84 1.58 13.84 -29.31
CA ALA C 84 2.06 12.68 -28.57
C ALA C 84 1.74 12.81 -27.08
N ASP C 85 2.30 13.84 -26.43
CA ASP C 85 2.04 14.06 -25.01
C ASP C 85 0.56 13.75 -24.75
N TYR C 86 -0.31 14.59 -25.31
CA TYR C 86 -1.74 14.44 -25.15
C TYR C 86 -2.13 12.99 -25.35
N MET C 87 -1.69 12.41 -26.46
CA MET C 87 -2.01 11.02 -26.73
C MET C 87 -1.49 10.07 -25.65
N GLU C 88 -0.24 10.27 -25.24
CA GLU C 88 0.39 9.41 -24.25
C GLU C 88 -0.20 9.64 -22.86
N ALA C 89 -0.97 10.71 -22.72
CA ALA C 89 -1.61 11.04 -21.46
C ALA C 89 -2.95 10.33 -21.48
N PHE C 90 -3.71 10.61 -22.53
CA PHE C 90 -5.02 10.02 -22.71
C PHE C 90 -4.87 8.53 -22.74
N LYS C 91 -3.83 8.09 -23.40
CA LYS C 91 -3.60 6.66 -23.47
C LYS C 91 -3.60 6.04 -22.07
N THR C 92 -3.18 6.82 -21.06
CA THR C 92 -3.12 6.32 -19.68
C THR C 92 -4.51 6.20 -19.05
N PHE C 93 -5.53 6.16 -19.90
CA PHE C 93 -6.91 6.05 -19.45
C PHE C 93 -7.62 5.03 -20.34
N ASP C 94 -6.91 4.59 -21.38
CA ASP C 94 -7.43 3.62 -22.34
C ASP C 94 -6.97 2.22 -22.02
N ARG C 95 -7.79 1.47 -21.27
CA ARG C 95 -7.41 0.12 -20.92
C ARG C 95 -7.57 -0.85 -22.11
N GLU C 96 -8.79 -0.95 -22.65
CA GLU C 96 -9.04 -1.85 -23.79
C GLU C 96 -7.88 -1.77 -24.80
N GLY C 97 -7.31 -0.58 -24.92
CA GLY C 97 -6.19 -0.38 -25.83
C GLY C 97 -6.59 0.04 -27.24
N GLN C 98 -7.81 -0.32 -27.62
CA GLN C 98 -8.34 -0.01 -28.94
C GLN C 98 -8.35 1.51 -29.15
N GLY C 99 -8.30 2.25 -28.05
CA GLY C 99 -8.24 3.70 -28.14
C GLY C 99 -9.53 4.51 -28.05
N PHE C 100 -10.45 4.06 -27.22
CA PHE C 100 -11.71 4.77 -27.04
C PHE C 100 -11.79 5.19 -25.58
N ILE C 101 -12.04 6.47 -25.32
CA ILE C 101 -12.16 6.90 -23.95
C ILE C 101 -13.62 7.29 -23.68
N SER C 102 -14.33 6.46 -22.93
CA SER C 102 -15.74 6.69 -22.61
C SER C 102 -16.11 8.16 -22.49
N GLY C 103 -17.40 8.45 -22.65
CA GLY C 103 -17.84 9.82 -22.56
C GLY C 103 -17.60 10.44 -21.20
N ALA C 104 -18.28 9.92 -20.19
CA ALA C 104 -18.17 10.42 -18.83
C ALA C 104 -16.76 10.61 -18.36
N GLU C 105 -15.90 9.66 -18.69
CA GLU C 105 -14.52 9.75 -18.29
C GLU C 105 -13.93 11.04 -18.84
N LEU C 106 -14.06 11.22 -20.15
CA LEU C 106 -13.53 12.42 -20.79
C LEU C 106 -14.00 13.64 -20.02
N ARG C 107 -15.29 13.67 -19.70
CA ARG C 107 -15.83 14.80 -18.96
C ARG C 107 -15.09 14.90 -17.64
N HIS C 108 -14.87 13.73 -17.03
CA HIS C 108 -14.17 13.65 -15.76
C HIS C 108 -12.79 14.29 -15.89
N VAL C 109 -11.95 13.67 -16.71
CA VAL C 109 -10.59 14.14 -16.95
C VAL C 109 -10.51 15.63 -17.09
N LEU C 110 -11.30 16.17 -17.99
CA LEU C 110 -11.30 17.60 -18.23
C LEU C 110 -11.81 18.43 -17.06
N THR C 111 -12.84 17.93 -16.38
CA THR C 111 -13.43 18.64 -15.24
C THR C 111 -13.03 18.18 -13.83
N ALA C 112 -12.11 17.22 -13.76
CA ALA C 112 -11.67 16.70 -12.47
C ALA C 112 -10.15 16.80 -12.29
N LEU C 113 -9.40 16.45 -13.34
CA LEU C 113 -7.94 16.48 -13.30
C LEU C 113 -7.26 17.75 -13.81
N GLY C 114 -6.02 17.94 -13.39
CA GLY C 114 -5.22 19.11 -13.77
C GLY C 114 -5.97 20.36 -13.37
N GLU C 115 -5.80 21.43 -14.12
CA GLU C 115 -6.54 22.66 -13.82
C GLU C 115 -7.89 22.34 -14.49
N ARG C 116 -8.96 22.24 -13.71
CA ARG C 116 -10.27 21.84 -14.24
C ARG C 116 -11.03 22.83 -15.12
N LEU C 117 -12.14 22.37 -15.70
CA LEU C 117 -12.99 23.20 -16.55
C LEU C 117 -14.44 23.23 -16.06
N SER C 118 -15.12 24.36 -16.22
CA SER C 118 -16.53 24.43 -15.85
C SER C 118 -17.19 23.44 -16.79
N ASP C 119 -18.23 22.76 -16.34
CA ASP C 119 -18.92 21.81 -17.20
C ASP C 119 -19.25 22.49 -18.53
N GLU C 120 -19.52 23.79 -18.46
CA GLU C 120 -19.87 24.57 -19.66
C GLU C 120 -18.84 24.35 -20.76
N ASP C 121 -17.69 25.01 -20.64
CA ASP C 121 -16.60 24.89 -21.60
C ASP C 121 -16.57 23.51 -22.19
N VAL C 122 -16.47 22.52 -21.31
CA VAL C 122 -16.44 21.16 -21.78
C VAL C 122 -17.66 20.97 -22.66
N ASP C 123 -18.83 21.22 -22.12
CA ASP C 123 -20.04 21.07 -22.91
C ASP C 123 -19.97 21.90 -24.20
N GLU C 124 -19.21 22.99 -24.17
CA GLU C 124 -19.06 23.87 -25.34
C GLU C 124 -18.05 23.28 -26.32
N ILE C 125 -16.82 23.13 -25.83
CA ILE C 125 -15.74 22.58 -26.63
C ILE C 125 -16.16 21.24 -27.22
N ILE C 126 -17.18 20.61 -26.64
CA ILE C 126 -17.64 19.34 -27.19
C ILE C 126 -18.60 19.57 -28.33
N LYS C 127 -19.20 20.75 -28.37
CA LYS C 127 -20.14 21.08 -29.44
C LYS C 127 -19.39 21.66 -30.63
N LEU C 128 -18.53 22.62 -30.31
CA LEU C 128 -17.72 23.33 -31.29
C LEU C 128 -16.94 22.41 -32.19
N THR C 129 -16.25 21.46 -31.57
CA THR C 129 -15.42 20.51 -32.29
C THR C 129 -16.29 19.35 -32.77
N ASP C 130 -17.52 19.31 -32.27
CA ASP C 130 -18.53 18.32 -32.67
C ASP C 130 -18.19 16.90 -32.37
N LEU C 131 -17.63 16.70 -31.20
CA LEU C 131 -17.29 15.38 -30.74
C LEU C 131 -18.53 14.50 -30.66
N GLN C 132 -18.41 13.27 -31.16
CA GLN C 132 -19.54 12.33 -31.14
C GLN C 132 -19.28 10.98 -30.46
N GLU C 133 -20.11 10.67 -29.46
CA GLU C 133 -20.01 9.39 -28.76
C GLU C 133 -20.75 8.38 -29.65
N ASP C 134 -20.35 7.11 -29.60
CA ASP C 134 -21.00 6.08 -30.41
C ASP C 134 -22.12 5.41 -29.62
N LEU C 135 -22.80 4.46 -30.24
CA LEU C 135 -23.91 3.75 -29.61
C LEU C 135 -23.62 3.24 -28.19
N GLU C 136 -22.41 2.73 -27.99
CA GLU C 136 -21.98 2.22 -26.70
C GLU C 136 -21.73 3.44 -25.81
N GLY C 137 -21.28 4.52 -26.43
CA GLY C 137 -21.02 5.74 -25.69
C GLY C 137 -19.55 6.10 -25.52
N ASN C 138 -18.74 5.91 -26.54
CA ASN C 138 -17.32 6.24 -26.43
C ASN C 138 -16.88 7.08 -27.61
N VAL C 139 -15.93 7.96 -27.36
CA VAL C 139 -15.38 8.81 -28.39
C VAL C 139 -13.90 8.51 -28.54
N LYS C 140 -13.40 8.53 -29.76
CA LYS C 140 -11.98 8.26 -29.96
C LYS C 140 -11.27 9.53 -29.52
N TYR C 141 -10.39 9.43 -28.54
CA TYR C 141 -9.71 10.62 -28.09
C TYR C 141 -8.82 11.17 -29.19
N GLU C 142 -8.27 10.31 -30.03
CA GLU C 142 -7.41 10.81 -31.09
C GLU C 142 -8.08 11.93 -31.88
N ASP C 143 -9.29 11.68 -32.36
CA ASP C 143 -10.05 12.65 -33.13
C ASP C 143 -10.29 13.95 -32.37
N PHE C 144 -10.65 13.83 -31.10
CA PHE C 144 -10.89 15.00 -30.28
C PHE C 144 -9.61 15.80 -30.11
N VAL C 145 -8.52 15.11 -29.83
CA VAL C 145 -7.26 15.81 -29.62
C VAL C 145 -6.81 16.54 -30.85
N LYS C 146 -7.15 16.02 -32.03
CA LYS C 146 -6.72 16.71 -33.21
C LYS C 146 -7.46 18.03 -33.36
N LYS C 147 -8.74 18.01 -33.03
CA LYS C 147 -9.57 19.21 -33.14
C LYS C 147 -9.16 20.30 -32.16
N VAL C 148 -8.93 19.95 -30.90
CA VAL C 148 -8.53 20.94 -29.93
C VAL C 148 -7.25 21.66 -30.35
N MET C 149 -6.33 20.91 -30.94
CA MET C 149 -5.06 21.48 -31.40
C MET C 149 -5.28 22.12 -32.75
N ALA C 150 -6.25 21.58 -33.49
CA ALA C 150 -6.58 22.07 -34.83
C ALA C 150 -6.93 23.56 -34.86
N GLY C 151 -7.55 24.05 -33.79
CA GLY C 151 -7.95 25.44 -33.72
C GLY C 151 -9.41 25.55 -34.12
N PRO C 152 -10.11 26.63 -33.73
CA PRO C 152 -11.52 26.76 -34.11
C PRO C 152 -11.70 27.00 -35.59
N TYR C 153 -10.73 27.66 -36.21
CA TYR C 153 -10.80 27.94 -37.63
C TYR C 153 -9.72 27.18 -38.39
N PRO C 154 -10.04 25.96 -38.86
CA PRO C 154 -9.15 25.07 -39.61
C PRO C 154 -8.86 25.50 -41.05
#